data_5IZ0
#
_entry.id   5IZ0
#
_cell.length_a   85.672
_cell.length_b   68.111
_cell.length_c   96.056
_cell.angle_alpha   90.000
_cell.angle_beta   109.900
_cell.angle_gamma   90.000
#
_symmetry.space_group_name_H-M   'P 1 21 1'
#
loop_
_entity.id
_entity.type
_entity.pdbx_description
1 polymer 'Nuclear receptor ROR-gamma'
2 polymer GLU-PHE-PRO-TYR-LEU-LEU-SER-LEU-LEU-GLY-GLU-VAL-SER-PRO-GLN
3 non-polymer N-(4-ethyl-3-oxo-3,4-dihydro-2H-1,4-benzoxazin-7-yl)-3,4-dimethyl-N-(2,2,2-trifluoroethyl)benzene-1-sulfonamide
4 non-polymer 'CHLORIDE ION'
5 water water
#
loop_
_entity_poly.entity_id
_entity_poly.type
_entity_poly.pdbx_seq_one_letter_code
_entity_poly.pdbx_strand_id
1 'polypeptide(L)'
;GPTPEAPYASLTEIEHLVQSVCKSYRETCQLRLEDLLRQRSNIFSREEVTGYQRKSMWEMWERCAHHLTEAIQYVVEFAK
RLSGFMELCQNDQIVLLKAGAMEVVLVRMCRAYNADNRTVFFEGKYGGMELFRALGCSELISSIFDFSHSLSALHFSEDE
IALYTALVLINAHRPGLQEKRKVEQLQYNLELAFHHHLCKTHRQSILAKLPPKGKLRSLCSQHVERLQIFQHLHPIVVQA
AFPPLYKELFSTTETESPVGLSK
;
A,B,D,G
2 'polypeptide(L)' EFPYLLSLLGEVSPQ C,E,F,H
#
loop_
_chem_comp.id
_chem_comp.type
_chem_comp.name
_chem_comp.formula
6F1 non-polymer N-(4-ethyl-3-oxo-3,4-dihydro-2H-1,4-benzoxazin-7-yl)-3,4-dimethyl-N-(2,2,2-trifluoroethyl)benzene-1-sulfonamide 'C20 H21 F3 N2 O4 S'
CL non-polymer 'CHLORIDE ION' 'Cl -1'
#
# COMPACT_ATOMS: atom_id res chain seq x y z
N ALA A 9 33.52 -24.99 21.39
CA ALA A 9 34.23 -24.10 20.44
C ALA A 9 34.96 -22.99 21.18
N SER A 10 36.25 -22.83 20.87
CA SER A 10 37.05 -21.86 21.60
C SER A 10 36.74 -20.43 21.10
N LEU A 11 37.17 -19.44 21.88
CA LEU A 11 36.99 -18.04 21.49
C LEU A 11 37.61 -17.74 20.13
N THR A 12 38.80 -18.31 19.87
CA THR A 12 39.44 -18.14 18.54
C THR A 12 38.56 -18.73 17.42
N GLU A 13 38.04 -19.96 17.61
CA GLU A 13 37.16 -20.58 16.61
C GLU A 13 35.89 -19.72 16.39
N ILE A 14 35.33 -19.18 17.47
CA ILE A 14 34.12 -18.33 17.31
C ILE A 14 34.46 -17.04 16.56
N GLU A 15 35.58 -16.42 16.89
CA GLU A 15 36.04 -15.22 16.15
C GLU A 15 36.26 -15.54 14.69
N HIS A 16 36.88 -16.68 14.39
CA HIS A 16 37.07 -17.06 12.98
C HIS A 16 35.72 -17.34 12.27
N LEU A 17 34.76 -17.94 12.99
CA LEU A 17 33.42 -18.17 12.45
C LEU A 17 32.69 -16.85 12.05
N VAL A 18 32.85 -15.81 12.87
CA VAL A 18 32.29 -14.49 12.54
C VAL A 18 32.85 -14.02 11.19
N GLN A 19 34.17 -14.09 11.06
CA GLN A 19 34.84 -13.72 9.79
C GLN A 19 34.38 -14.56 8.62
N SER A 20 34.27 -15.88 8.85
CA SER A 20 33.84 -16.84 7.82
C SER A 20 32.43 -16.49 7.31
N VAL A 21 31.51 -16.30 8.25
CA VAL A 21 30.11 -15.99 7.91
C VAL A 21 29.99 -14.66 7.16
N CYS A 22 30.73 -13.66 7.65
CA CYS A 22 30.73 -12.35 7.00
C CYS A 22 31.23 -12.44 5.59
N LYS A 23 32.26 -13.24 5.35
CA LYS A 23 32.81 -13.43 4.01
C LYS A 23 31.82 -14.14 3.08
N SER A 24 31.21 -15.23 3.58
CA SER A 24 30.20 -15.97 2.82
C SER A 24 29.07 -15.07 2.38
N TYR A 25 28.64 -14.21 3.28
CA TYR A 25 27.62 -13.21 2.95
C TYR A 25 28.13 -12.23 1.88
N ARG A 26 29.32 -11.67 2.09
CA ARG A 26 29.92 -10.67 1.16
C ARG A 26 29.93 -11.21 -0.29
N GLU A 27 30.32 -12.47 -0.41
CA GLU A 27 30.46 -13.18 -1.68
C GLU A 27 29.14 -13.51 -2.37
N THR A 28 28.01 -13.42 -1.64
CA THR A 28 26.71 -13.88 -2.17
C THR A 28 25.57 -12.83 -1.93
N CYS A 29 25.95 -11.61 -1.60
CA CYS A 29 24.97 -10.61 -1.22
C CYS A 29 24.22 -10.02 -2.44
N GLN A 30 24.67 -10.35 -3.65
CA GLN A 30 23.95 -10.06 -4.92
C GLN A 30 23.56 -8.67 -5.38
N LEU A 31 23.81 -7.68 -4.53
CA LEU A 31 23.53 -6.28 -4.80
C LEU A 31 24.37 -5.62 -3.71
N ARG A 32 25.17 -4.64 -4.13
CA ARG A 32 26.01 -3.87 -3.21
C ARG A 32 25.17 -2.82 -2.51
N LEU A 33 25.36 -2.70 -1.21
CA LEU A 33 24.67 -1.69 -0.42
C LEU A 33 24.87 -0.27 -1.01
N GLU A 34 26.11 0.01 -1.42
CA GLU A 34 26.46 1.30 -1.99
C GLU A 34 25.66 1.64 -3.26
N ASP A 35 25.54 0.68 -4.16
CA ASP A 35 24.66 0.77 -5.33
C ASP A 35 23.17 0.99 -4.96
N LEU A 36 22.67 0.23 -3.99
CA LEU A 36 21.27 0.37 -3.58
C LEU A 36 20.97 1.76 -2.99
N LEU A 37 21.89 2.27 -2.18
CA LEU A 37 21.74 3.60 -1.59
C LEU A 37 21.75 4.67 -2.67
N ARG A 38 22.65 4.53 -3.63
CA ARG A 38 22.84 5.50 -4.69
C ARG A 38 21.61 5.61 -5.60
N GLN A 39 20.85 4.53 -5.68
CA GLN A 39 19.71 4.48 -6.59
C GLN A 39 18.37 4.87 -5.94
N ARG A 40 18.42 5.32 -4.70
CA ARG A 40 17.21 5.80 -4.03
C ARG A 40 16.50 6.93 -4.77
N SER A 41 17.27 7.79 -5.42
CA SER A 41 16.73 8.95 -6.12
C SER A 41 16.19 8.59 -7.51
N ASN A 42 16.33 7.31 -7.89
CA ASN A 42 15.67 6.73 -9.07
C ASN A 42 14.33 6.13 -8.72
N ILE A 43 13.26 6.90 -8.94
CA ILE A 43 11.88 6.51 -8.53
C ILE A 43 10.92 6.46 -9.73
N PHE A 44 10.16 5.39 -9.83
CA PHE A 44 9.19 5.26 -10.96
C PHE A 44 8.25 6.47 -11.09
N SER A 45 8.15 6.95 -12.33
CA SER A 45 7.21 8.01 -12.68
C SER A 45 5.79 7.51 -12.64
N ARG A 46 4.84 8.42 -12.61
CA ARG A 46 3.41 8.08 -12.59
C ARG A 46 3.04 7.14 -13.75
N GLU A 47 3.51 7.43 -14.96
CA GLU A 47 3.17 6.62 -16.14
C GLU A 47 3.72 5.21 -15.99
N GLU A 48 4.92 5.11 -15.41
CA GLU A 48 5.58 3.82 -15.21
C GLU A 48 4.82 2.98 -14.22
N VAL A 49 4.42 3.62 -13.12
CA VAL A 49 3.56 2.98 -12.13
C VAL A 49 2.24 2.47 -12.73
N THR A 50 1.55 3.33 -13.46
CA THR A 50 0.35 2.92 -14.18
C THR A 50 0.58 1.67 -15.04
N GLY A 51 1.71 1.65 -15.74
CA GLY A 51 2.11 0.53 -16.58
C GLY A 51 2.17 -0.78 -15.81
N TYR A 52 2.77 -0.76 -14.61
CA TYR A 52 2.82 -1.92 -13.75
C TYR A 52 1.44 -2.31 -13.25
N GLN A 53 0.61 -1.32 -12.91
CA GLN A 53 -0.71 -1.63 -12.33
C GLN A 53 -1.66 -2.23 -13.39
N ARG A 54 -1.40 -1.89 -14.65
CA ARG A 54 -2.17 -2.43 -15.78
C ARG A 54 -1.69 -3.81 -16.26
N LYS A 55 -0.53 -4.22 -15.78
CA LYS A 55 -0.03 -5.56 -16.13
C LYS A 55 -0.97 -6.66 -15.70
N SER A 56 -1.02 -7.74 -16.48
CA SER A 56 -1.81 -8.89 -16.07
C SER A 56 -1.24 -9.47 -14.78
N MET A 57 -2.12 -10.11 -14.00
CA MET A 57 -1.67 -10.87 -12.85
C MET A 57 -0.58 -11.91 -13.27
N TRP A 58 -0.76 -12.62 -14.37
CA TRP A 58 0.13 -13.60 -14.89
C TRP A 58 1.55 -13.05 -15.08
N GLU A 59 1.62 -11.92 -15.73
CA GLU A 59 2.93 -11.34 -16.09
C GLU A 59 3.66 -10.87 -14.83
N MET A 60 2.92 -10.22 -13.94
CA MET A 60 3.53 -9.72 -12.71
C MET A 60 3.98 -10.89 -11.82
N TRP A 61 3.16 -11.94 -11.73
CA TRP A 61 3.55 -13.17 -10.98
C TRP A 61 4.80 -13.81 -11.54
N GLU A 62 4.83 -13.94 -12.84
CA GLU A 62 5.91 -14.51 -13.57
C GLU A 62 7.21 -13.76 -13.39
N ARG A 63 7.15 -12.46 -13.39
CA ARG A 63 8.32 -11.61 -13.16
C ARG A 63 8.82 -11.77 -11.73
N CYS A 64 7.90 -11.70 -10.77
CA CYS A 64 8.31 -11.77 -9.38
C CYS A 64 8.90 -13.14 -9.06
N ALA A 65 8.35 -14.21 -9.65
CA ALA A 65 8.83 -15.58 -9.41
C ALA A 65 10.25 -15.69 -9.94
N HIS A 66 10.51 -15.08 -11.11
CA HIS A 66 11.89 -15.09 -11.66
C HIS A 66 12.88 -14.42 -10.67
N HIS A 67 12.52 -13.20 -10.24
CA HIS A 67 13.40 -12.43 -9.33
C HIS A 67 13.62 -13.13 -8.00
N LEU A 68 12.54 -13.68 -7.44
CA LEU A 68 12.66 -14.46 -6.17
C LEU A 68 13.57 -15.67 -6.33
N THR A 69 13.42 -16.37 -7.48
CA THR A 69 14.25 -17.53 -7.76
C THR A 69 15.76 -17.17 -7.82
N GLU A 70 16.08 -16.09 -8.55
CA GLU A 70 17.44 -15.52 -8.56
C GLU A 70 17.99 -15.26 -7.16
N ALA A 71 17.23 -14.58 -6.31
CA ALA A 71 17.61 -14.33 -4.89
C ALA A 71 17.81 -15.62 -4.14
N ILE A 72 16.91 -16.57 -4.30
CA ILE A 72 17.03 -17.87 -3.62
C ILE A 72 18.31 -18.59 -4.07
N GLN A 73 18.67 -18.46 -5.34
CA GLN A 73 19.94 -19.05 -5.80
C GLN A 73 21.19 -18.51 -5.03
N TYR A 74 21.20 -17.23 -4.71
CA TYR A 74 22.27 -16.67 -3.93
C TYR A 74 22.27 -17.19 -2.50
N VAL A 75 21.07 -17.42 -1.95
CA VAL A 75 20.95 -17.98 -0.62
C VAL A 75 21.47 -19.44 -0.58
N VAL A 76 21.23 -20.21 -1.65
CA VAL A 76 21.79 -21.56 -1.71
C VAL A 76 23.32 -21.46 -1.70
N GLU A 77 23.88 -20.56 -2.52
CA GLU A 77 25.33 -20.31 -2.51
C GLU A 77 25.89 -19.90 -1.10
N PHE A 78 25.21 -18.94 -0.46
CA PHE A 78 25.49 -18.57 0.94
C PHE A 78 25.57 -19.84 1.81
N ALA A 79 24.51 -20.65 1.79
CA ALA A 79 24.48 -21.93 2.54
C ALA A 79 25.69 -22.84 2.25
N LYS A 80 25.98 -23.07 0.98
CA LYS A 80 27.10 -23.95 0.56
C LYS A 80 28.44 -23.39 1.03
N ARG A 81 28.54 -22.07 1.17
CA ARG A 81 29.79 -21.45 1.64
C ARG A 81 29.84 -21.27 3.16
N LEU A 82 28.74 -21.61 3.82
CA LEU A 82 28.56 -21.37 5.24
C LEU A 82 29.23 -22.45 6.06
N SER A 83 30.07 -22.02 7.01
CA SER A 83 30.85 -22.96 7.82
C SER A 83 29.92 -24.03 8.38
N GLY A 84 30.24 -25.29 8.10
CA GLY A 84 29.50 -26.40 8.66
C GLY A 84 28.23 -26.89 7.97
N PHE A 85 27.72 -26.11 7.00
CA PHE A 85 26.50 -26.50 6.31
C PHE A 85 26.66 -27.73 5.42
N MET A 86 27.75 -27.76 4.63
CA MET A 86 28.03 -28.91 3.75
C MET A 86 28.43 -30.19 4.52
N GLU A 87 28.65 -30.05 5.83
CA GLU A 87 28.89 -31.20 6.71
C GLU A 87 27.58 -31.89 7.11
N LEU A 88 26.45 -31.18 6.98
CA LEU A 88 25.14 -31.75 7.34
C LEU A 88 24.74 -32.74 6.27
N CYS A 89 23.81 -33.64 6.58
CA CYS A 89 23.44 -34.65 5.60
C CYS A 89 22.54 -34.01 4.55
N GLN A 90 22.41 -34.63 3.40
CA GLN A 90 21.60 -34.14 2.30
C GLN A 90 20.17 -33.72 2.71
N ASN A 91 19.53 -34.61 3.47
CA ASN A 91 18.16 -34.37 3.95
C ASN A 91 18.07 -33.09 4.75
N ASP A 92 19.01 -32.89 5.68
CA ASP A 92 19.02 -31.70 6.51
C ASP A 92 19.30 -30.43 5.72
N GLN A 93 20.24 -30.48 4.78
CA GLN A 93 20.51 -29.34 3.90
C GLN A 93 19.21 -28.93 3.17
N ILE A 94 18.51 -29.90 2.60
CA ILE A 94 17.24 -29.65 1.92
C ILE A 94 16.15 -29.06 2.87
N VAL A 95 15.97 -29.67 4.03
CA VAL A 95 14.98 -29.21 5.01
C VAL A 95 15.25 -27.73 5.42
N LEU A 96 16.51 -27.39 5.71
CA LEU A 96 16.87 -26.04 6.14
C LEU A 96 16.65 -25.04 4.99
N LEU A 97 17.09 -25.39 3.77
CA LEU A 97 16.87 -24.51 2.61
C LEU A 97 15.39 -24.34 2.21
N LYS A 98 14.63 -25.43 2.23
CA LYS A 98 13.22 -25.35 1.89
C LYS A 98 12.43 -24.43 2.84
N ALA A 99 12.74 -24.50 4.12
CA ALA A 99 12.09 -23.65 5.12
C ALA A 99 12.68 -22.22 5.16
N GLY A 100 13.98 -22.12 4.92
CA GLY A 100 14.77 -20.93 5.30
C GLY A 100 15.20 -20.03 4.18
N ALA A 101 15.28 -20.55 2.95
CA ALA A 101 15.74 -19.71 1.81
C ALA A 101 14.83 -18.44 1.63
N MET A 102 13.52 -18.62 1.60
CA MET A 102 12.59 -17.51 1.54
C MET A 102 12.69 -16.50 2.72
N GLU A 103 12.86 -17.02 3.92
CA GLU A 103 13.06 -16.19 5.13
C GLU A 103 14.31 -15.32 4.97
N VAL A 104 15.39 -15.91 4.43
CA VAL A 104 16.63 -15.16 4.21
C VAL A 104 16.43 -14.04 3.16
N VAL A 105 15.76 -14.36 2.05
CA VAL A 105 15.48 -13.33 1.05
C VAL A 105 14.70 -12.17 1.68
N LEU A 106 13.68 -12.49 2.48
CA LEU A 106 12.86 -11.45 3.14
C LEU A 106 13.70 -10.56 4.03
N VAL A 107 14.61 -11.14 4.81
CA VAL A 107 15.54 -10.30 5.60
C VAL A 107 16.47 -9.44 4.69
N ARG A 108 17.08 -10.07 3.68
CA ARG A 108 17.93 -9.39 2.69
C ARG A 108 17.21 -8.17 2.02
N MET A 109 15.90 -8.31 1.89
CA MET A 109 15.09 -7.24 1.31
C MET A 109 15.22 -5.89 1.98
N CYS A 110 15.50 -5.84 3.29
CA CYS A 110 15.55 -4.54 3.98
C CYS A 110 16.64 -3.63 3.39
N ARG A 111 17.67 -4.20 2.74
CA ARG A 111 18.69 -3.42 2.06
C ARG A 111 18.09 -2.63 0.89
N ALA A 112 17.05 -3.20 0.27
CA ALA A 112 16.48 -2.69 -0.94
C ALA A 112 15.17 -1.96 -0.61
N TYR A 113 15.03 -1.60 0.65
CA TYR A 113 13.92 -0.83 1.19
C TYR A 113 14.34 0.55 1.65
N ASN A 114 13.57 1.57 1.31
CA ASN A 114 13.87 2.97 1.78
C ASN A 114 12.74 3.44 2.67
N ALA A 115 12.97 3.47 3.98
CA ALA A 115 11.92 3.81 4.94
C ALA A 115 11.39 5.28 4.90
N ASP A 116 12.19 6.20 4.35
CA ASP A 116 11.83 7.63 4.30
C ASP A 116 10.56 7.83 3.47
N ASN A 117 10.53 7.18 2.31
CA ASN A 117 9.46 7.30 1.35
C ASN A 117 8.74 5.97 1.11
N ARG A 118 9.11 4.96 1.87
CA ARG A 118 8.46 3.63 1.88
C ARG A 118 8.48 3.00 0.50
N THR A 119 9.65 3.04 -0.14
CA THR A 119 9.77 2.39 -1.48
C THR A 119 10.66 1.14 -1.41
N VAL A 120 10.46 0.28 -2.38
CA VAL A 120 11.32 -0.86 -2.59
C VAL A 120 11.98 -0.78 -3.98
N PHE A 121 13.24 -1.23 -4.07
CA PHE A 121 13.93 -1.39 -5.34
C PHE A 121 13.40 -2.61 -6.13
N PHE A 122 12.80 -2.33 -7.29
CA PHE A 122 12.20 -3.36 -8.13
C PHE A 122 12.45 -3.07 -9.63
N GLU A 123 13.13 -4.00 -10.31
CA GLU A 123 13.44 -3.83 -11.74
C GLU A 123 14.10 -2.48 -12.07
N GLY A 124 15.02 -2.08 -11.21
CA GLY A 124 15.91 -0.94 -11.48
C GLY A 124 15.51 0.41 -10.90
N LYS A 125 14.28 0.57 -10.42
CA LYS A 125 13.85 1.75 -9.74
C LYS A 125 13.09 1.48 -8.44
N TYR A 126 12.96 2.51 -7.62
CA TYR A 126 12.19 2.44 -6.40
C TYR A 126 10.73 2.74 -6.71
N GLY A 127 9.85 1.90 -6.17
CA GLY A 127 8.40 2.24 -6.12
C GLY A 127 7.77 1.86 -4.82
N GLY A 128 6.59 2.42 -4.54
CA GLY A 128 5.78 2.07 -3.38
C GLY A 128 4.99 0.81 -3.62
N MET A 129 4.21 0.44 -2.62
CA MET A 129 3.42 -0.80 -2.71
C MET A 129 2.36 -0.73 -3.78
N GLU A 130 1.95 0.49 -4.15
CA GLU A 130 0.99 0.67 -5.24
C GLU A 130 1.50 0.02 -6.55
N LEU A 131 2.83 -0.09 -6.67
CA LEU A 131 3.44 -0.68 -7.89
C LEU A 131 2.96 -2.12 -8.14
N PHE A 132 2.62 -2.83 -7.05
CA PHE A 132 2.35 -4.28 -7.07
C PHE A 132 0.88 -4.64 -7.15
N ARG A 133 0.05 -3.66 -7.50
CA ARG A 133 -1.40 -3.83 -7.42
C ARG A 133 -1.90 -5.02 -8.25
N ALA A 134 -1.32 -5.23 -9.42
CA ALA A 134 -1.79 -6.31 -10.31
C ALA A 134 -1.57 -7.72 -9.74
N LEU A 135 -0.67 -7.86 -8.77
CA LEU A 135 -0.48 -9.17 -8.13
C LEU A 135 -1.79 -9.66 -7.46
N GLY A 136 -2.63 -8.76 -7.01
CA GLY A 136 -3.87 -9.18 -6.37
C GLY A 136 -3.67 -9.88 -5.02
N CYS A 137 -2.66 -9.45 -4.30
CA CYS A 137 -2.40 -9.98 -2.92
C CYS A 137 -1.98 -8.84 -1.99
N SER A 138 -2.93 -7.96 -1.79
CA SER A 138 -2.75 -6.71 -1.03
C SER A 138 -2.23 -6.93 0.40
N GLU A 139 -2.77 -7.93 1.10
CA GLU A 139 -2.40 -8.22 2.47
C GLU A 139 -0.92 -8.64 2.53
N LEU A 140 -0.53 -9.55 1.65
CA LEU A 140 0.87 -10.01 1.58
C LEU A 140 1.84 -8.86 1.29
N ILE A 141 1.52 -8.07 0.28
CA ILE A 141 2.40 -6.95 -0.06
C ILE A 141 2.57 -5.99 1.13
N SER A 142 1.45 -5.59 1.74
CA SER A 142 1.51 -4.74 2.94
C SER A 142 2.30 -5.35 4.08
N SER A 143 2.14 -6.65 4.29
CA SER A 143 2.93 -7.36 5.29
C SER A 143 4.43 -7.37 4.99
N ILE A 144 4.78 -7.51 3.70
CA ILE A 144 6.22 -7.46 3.30
C ILE A 144 6.78 -6.07 3.58
N PHE A 145 6.01 -5.05 3.22
CA PHE A 145 6.48 -3.69 3.44
C PHE A 145 6.60 -3.40 4.92
N ASP A 146 5.64 -3.91 5.70
CA ASP A 146 5.68 -3.72 7.16
C ASP A 146 6.93 -4.37 7.75
N PHE A 147 7.24 -5.55 7.25
CA PHE A 147 8.39 -6.30 7.71
C PHE A 147 9.66 -5.52 7.44
N SER A 148 9.84 -5.05 6.20
CA SER A 148 10.97 -4.18 5.83
C SER A 148 11.07 -2.90 6.70
N HIS A 149 9.91 -2.27 6.93
CA HIS A 149 9.91 -1.08 7.75
C HIS A 149 10.44 -1.42 9.16
N SER A 150 9.95 -2.53 9.73
CA SER A 150 10.42 -2.94 11.05
C SER A 150 11.92 -3.27 11.12
N LEU A 151 12.46 -3.90 10.07
CA LEU A 151 13.92 -4.12 9.96
C LEU A 151 14.72 -2.86 9.76
N SER A 152 14.22 -1.96 8.89
CA SER A 152 14.89 -0.67 8.70
C SER A 152 15.16 0.01 10.04
N ALA A 153 14.27 -0.20 11.01
CA ALA A 153 14.36 0.50 12.27
C ALA A 153 15.54 -0.04 13.10
N LEU A 154 15.98 -1.27 12.78
CA LEU A 154 17.08 -1.88 13.50
C LEU A 154 18.39 -1.33 13.00
N HIS A 155 18.34 -0.73 11.79
CA HIS A 155 19.53 -0.28 11.07
C HIS A 155 20.70 -1.28 11.07
N PHE A 156 20.46 -2.48 10.55
CA PHE A 156 21.50 -3.50 10.50
C PHE A 156 22.72 -3.08 9.73
N SER A 157 23.90 -3.42 10.24
CA SER A 157 25.11 -3.36 9.43
C SER A 157 25.13 -4.60 8.51
N GLU A 158 25.99 -4.56 7.49
CA GLU A 158 26.23 -5.75 6.65
C GLU A 158 26.65 -6.95 7.45
N ASP A 159 27.51 -6.75 8.44
CA ASP A 159 28.00 -7.88 9.25
C ASP A 159 26.86 -8.49 10.07
N GLU A 160 25.99 -7.64 10.60
CA GLU A 160 24.86 -8.06 11.39
C GLU A 160 23.87 -8.84 10.55
N ILE A 161 23.62 -8.38 9.33
CA ILE A 161 22.67 -9.13 8.52
C ILE A 161 23.29 -10.50 8.10
N ALA A 162 24.60 -10.52 7.93
CA ALA A 162 25.27 -11.78 7.58
C ALA A 162 25.06 -12.81 8.71
N LEU A 163 25.40 -12.40 9.94
CA LEU A 163 25.26 -13.27 11.10
C LEU A 163 23.81 -13.64 11.39
N TYR A 164 22.91 -12.66 11.31
CA TYR A 164 21.47 -12.90 11.54
C TYR A 164 20.87 -13.85 10.51
N THR A 165 21.17 -13.65 9.22
CA THR A 165 20.62 -14.55 8.18
C THR A 165 21.18 -15.97 8.28
N ALA A 166 22.43 -16.09 8.73
CA ALA A 166 23.02 -17.41 8.99
C ALA A 166 22.14 -18.14 9.99
N LEU A 167 21.70 -17.40 11.01
CA LEU A 167 20.86 -17.96 12.06
C LEU A 167 19.42 -18.26 11.61
N VAL A 168 18.88 -17.42 10.75
CA VAL A 168 17.57 -17.72 10.14
C VAL A 168 17.63 -19.08 9.43
N LEU A 169 18.75 -19.35 8.75
CA LEU A 169 18.90 -20.59 8.00
C LEU A 169 19.20 -21.78 8.92
N ILE A 170 20.21 -21.65 9.81
CA ILE A 170 20.58 -22.73 10.69
C ILE A 170 19.65 -22.77 11.90
N ASN A 171 18.49 -23.37 11.73
CA ASN A 171 17.44 -23.34 12.73
C ASN A 171 17.10 -24.79 13.04
N ALA A 172 17.53 -25.27 14.21
CA ALA A 172 17.39 -26.70 14.56
C ALA A 172 15.97 -27.13 14.89
N HIS A 173 15.04 -26.17 14.93
CA HIS A 173 13.63 -26.44 15.21
C HIS A 173 12.78 -26.67 13.98
N ARG A 174 13.39 -26.72 12.78
CA ARG A 174 12.63 -27.05 11.60
C ARG A 174 12.22 -28.53 11.61
N PRO A 175 10.91 -28.81 11.42
CA PRO A 175 10.39 -30.18 11.31
C PRO A 175 11.08 -31.02 10.20
N GLY A 176 11.32 -32.30 10.50
CA GLY A 176 11.83 -33.26 9.53
C GLY A 176 13.34 -33.41 9.48
N LEU A 177 14.05 -32.77 10.41
CA LEU A 177 15.49 -32.91 10.52
C LEU A 177 15.86 -34.29 11.07
N GLN A 178 16.94 -34.89 10.55
CA GLN A 178 17.43 -36.18 11.03
C GLN A 178 18.44 -35.90 12.14
N GLU A 179 19.39 -35.00 11.88
CA GLU A 179 20.57 -34.86 12.73
C GLU A 179 20.39 -33.55 13.50
N LYS A 180 19.33 -33.53 14.29
CA LYS A 180 18.91 -32.37 15.04
C LYS A 180 20.03 -31.88 15.98
N ARG A 181 20.73 -32.82 16.62
CA ARG A 181 21.81 -32.46 17.54
C ARG A 181 22.92 -31.75 16.76
N LYS A 182 23.18 -32.23 15.55
CA LYS A 182 24.17 -31.61 14.69
C LYS A 182 23.75 -30.18 14.35
N VAL A 183 22.46 -30.00 14.04
CA VAL A 183 21.98 -28.66 13.66
C VAL A 183 21.93 -27.75 14.90
N GLU A 184 21.54 -28.30 16.04
CA GLU A 184 21.61 -27.56 17.32
C GLU A 184 22.98 -26.99 17.59
N GLN A 185 24.03 -27.80 17.36
CA GLN A 185 25.39 -27.35 17.64
C GLN A 185 25.83 -26.24 16.67
N LEU A 186 25.47 -26.40 15.40
CA LEU A 186 25.75 -25.36 14.42
C LEU A 186 25.06 -24.04 14.85
N GLN A 187 23.78 -24.11 15.17
CA GLN A 187 23.03 -22.95 15.61
C GLN A 187 23.69 -22.33 16.83
N TYR A 188 24.06 -23.15 17.80
CA TYR A 188 24.65 -22.59 19.01
C TYR A 188 25.97 -21.84 18.72
N ASN A 189 26.82 -22.44 17.90
CA ASN A 189 28.05 -21.76 17.55
C ASN A 189 27.79 -20.46 16.78
N LEU A 190 26.78 -20.48 15.92
CA LEU A 190 26.38 -19.25 15.21
C LEU A 190 25.81 -18.20 16.18
N GLU A 191 25.11 -18.62 17.24
CA GLU A 191 24.63 -17.69 18.31
C GLU A 191 25.83 -17.07 19.04
N LEU A 192 26.80 -17.93 19.35
CA LEU A 192 28.05 -17.44 19.95
C LEU A 192 28.73 -16.35 19.10
N ALA A 193 28.86 -16.63 17.80
CA ALA A 193 29.44 -15.72 16.83
C ALA A 193 28.65 -14.42 16.80
N PHE A 194 27.33 -14.53 16.65
CA PHE A 194 26.42 -13.34 16.61
C PHE A 194 26.61 -12.53 17.88
N HIS A 195 26.56 -13.19 19.02
CA HIS A 195 26.63 -12.49 20.31
C HIS A 195 28.01 -11.81 20.53
N HIS A 196 29.08 -12.52 20.15
CA HIS A 196 30.44 -12.01 20.26
C HIS A 196 30.52 -10.72 19.43
N HIS A 197 30.07 -10.82 18.18
CA HIS A 197 30.12 -9.67 17.30
C HIS A 197 29.34 -8.48 17.81
N LEU A 198 28.14 -8.73 18.29
CA LEU A 198 27.30 -7.66 18.85
C LEU A 198 27.90 -7.07 20.10
N CYS A 199 28.52 -7.86 20.98
CA CYS A 199 29.13 -7.37 22.20
C CYS A 199 30.27 -6.47 21.94
N LYS A 200 31.08 -6.87 20.98
CA LYS A 200 32.27 -6.11 20.58
C LYS A 200 31.87 -4.73 20.01
N THR A 201 30.77 -4.69 19.27
CA THR A 201 30.33 -3.49 18.54
C THR A 201 29.25 -2.70 19.33
N HIS A 202 29.06 -3.06 20.59
CA HIS A 202 28.08 -2.43 21.50
C HIS A 202 26.67 -2.46 20.91
N ARG A 203 26.29 -3.58 20.33
CA ARG A 203 24.99 -3.72 19.68
C ARG A 203 24.16 -4.86 20.26
N GLN A 204 24.51 -5.35 21.44
CA GLN A 204 23.79 -6.55 21.93
C GLN A 204 22.32 -6.24 22.20
N SER A 205 22.00 -4.98 22.53
CA SER A 205 20.61 -4.58 22.79
C SER A 205 19.65 -4.87 21.63
N ILE A 206 20.18 -5.01 20.39
CA ILE A 206 19.28 -5.25 19.26
C ILE A 206 18.66 -6.66 19.31
N LEU A 207 19.31 -7.60 20.01
CA LEU A 207 18.84 -9.00 19.99
C LEU A 207 17.37 -9.14 20.46
N ALA A 208 17.09 -8.41 21.53
CA ALA A 208 15.75 -8.38 22.13
C ALA A 208 14.72 -7.74 21.21
N LYS A 209 15.19 -7.10 20.14
CA LYS A 209 14.32 -6.33 19.25
C LYS A 209 14.09 -6.98 17.90
N LEU A 210 14.69 -8.17 17.70
CA LEU A 210 14.56 -8.86 16.43
C LEU A 210 13.16 -9.27 16.14
N PRO A 211 12.73 -9.33 14.86
CA PRO A 211 11.36 -9.79 14.51
C PRO A 211 11.04 -11.08 15.23
N PRO A 212 9.85 -11.19 15.83
CA PRO A 212 9.52 -12.48 16.47
C PRO A 212 9.53 -13.55 15.41
N LYS A 213 9.84 -14.79 15.78
CA LYS A 213 9.57 -15.82 14.81
C LYS A 213 8.10 -16.12 14.81
N GLY A 214 7.61 -16.48 13.65
CA GLY A 214 6.16 -16.42 13.38
C GLY A 214 5.82 -15.21 12.54
N LYS A 215 6.60 -14.17 12.63
CA LYS A 215 6.50 -13.05 11.70
C LYS A 215 7.02 -13.52 10.30
N LEU A 216 8.26 -13.94 10.20
CA LEU A 216 8.79 -14.57 8.99
C LEU A 216 7.96 -15.77 8.52
N ARG A 217 7.59 -16.63 9.46
CA ARG A 217 6.71 -17.78 9.19
C ARG A 217 5.42 -17.37 8.46
N SER A 218 4.69 -16.41 9.02
CA SER A 218 3.46 -15.91 8.41
C SER A 218 3.66 -15.37 6.99
N LEU A 219 4.73 -14.60 6.78
CA LEU A 219 5.00 -14.10 5.43
C LEU A 219 5.20 -15.24 4.43
N CYS A 220 5.96 -16.26 4.82
CA CYS A 220 6.21 -17.41 3.95
C CYS A 220 4.94 -18.20 3.74
N SER A 221 4.14 -18.33 4.80
CA SER A 221 2.87 -19.06 4.68
C SER A 221 1.95 -18.33 3.73
N GLN A 222 1.88 -17.00 3.87
CA GLN A 222 1.03 -16.25 2.96
C GLN A 222 1.47 -16.38 1.51
N HIS A 223 2.79 -16.33 1.26
CA HIS A 223 3.35 -16.53 -0.09
C HIS A 223 2.84 -17.83 -0.69
N VAL A 224 3.04 -18.92 0.05
CA VAL A 224 2.53 -20.23 -0.39
C VAL A 224 1.00 -20.23 -0.71
N GLU A 225 0.19 -19.61 0.16
CA GLU A 225 -1.27 -19.54 -0.05
C GLU A 225 -1.66 -18.73 -1.29
N ARG A 226 -1.03 -17.57 -1.47
CA ARG A 226 -1.31 -16.76 -2.65
C ARG A 226 -0.85 -17.45 -3.92
N LEU A 227 0.26 -18.20 -3.84
CA LEU A 227 0.72 -18.92 -5.04
C LEU A 227 -0.28 -20.00 -5.43
N GLN A 228 -0.79 -20.72 -4.43
CA GLN A 228 -1.83 -21.73 -4.68
C GLN A 228 -3.03 -21.10 -5.35
N ILE A 229 -3.44 -19.89 -4.92
CA ILE A 229 -4.59 -19.21 -5.54
C ILE A 229 -4.27 -18.89 -7.00
N PHE A 230 -3.09 -18.33 -7.21
CA PHE A 230 -2.70 -17.95 -8.57
C PHE A 230 -2.63 -19.19 -9.46
N GLN A 231 -2.03 -20.26 -8.96
CA GLN A 231 -1.82 -21.48 -9.74
C GLN A 231 -3.17 -22.09 -10.15
N HIS A 232 -4.15 -22.04 -9.26
CA HIS A 232 -5.52 -22.45 -9.62
C HIS A 232 -6.19 -21.51 -10.65
N LEU A 233 -5.85 -20.23 -10.64
CA LEU A 233 -6.38 -19.32 -11.66
C LEU A 233 -5.69 -19.46 -13.01
N HIS A 234 -4.37 -19.74 -12.98
CA HIS A 234 -3.51 -19.79 -14.17
C HIS A 234 -2.53 -20.97 -14.14
N PRO A 235 -3.04 -22.21 -14.19
CA PRO A 235 -2.16 -23.38 -13.97
C PRO A 235 -1.12 -23.57 -15.11
N ILE A 236 -1.47 -23.25 -16.34
CA ILE A 236 -0.57 -23.36 -17.43
C ILE A 236 0.70 -22.47 -17.29
N VAL A 237 0.49 -21.24 -16.83
CA VAL A 237 1.61 -20.28 -16.65
C VAL A 237 2.71 -20.79 -15.72
N VAL A 238 2.32 -21.39 -14.60
CA VAL A 238 3.30 -21.96 -13.68
C VAL A 238 4.12 -23.07 -14.34
N GLN A 239 3.47 -24.06 -14.95
CA GLN A 239 4.22 -25.13 -15.56
C GLN A 239 5.02 -24.64 -16.77
N ALA A 240 4.54 -23.61 -17.46
CA ALA A 240 5.22 -23.14 -18.68
C ALA A 240 6.38 -22.18 -18.41
N ALA A 241 6.20 -21.27 -17.45
CA ALA A 241 7.05 -20.09 -17.38
C ALA A 241 7.83 -19.94 -16.08
N PHE A 242 7.33 -20.46 -14.97
CA PHE A 242 8.01 -20.33 -13.66
C PHE A 242 9.26 -21.23 -13.58
N PRO A 243 10.29 -20.80 -12.80
CA PRO A 243 11.44 -21.69 -12.61
C PRO A 243 11.02 -22.93 -11.88
N PRO A 244 11.46 -24.10 -12.37
CA PRO A 244 11.22 -25.39 -11.69
C PRO A 244 11.54 -25.40 -10.21
N LEU A 245 12.66 -24.83 -9.82
CA LEU A 245 13.01 -24.70 -8.39
C LEU A 245 11.92 -24.00 -7.59
N TYR A 246 11.41 -22.90 -8.14
CA TYR A 246 10.35 -22.12 -7.48
C TYR A 246 9.10 -22.99 -7.25
N LYS A 247 8.67 -23.68 -8.30
CA LYS A 247 7.57 -24.65 -8.20
C LYS A 247 7.82 -25.69 -7.11
N GLU A 248 9.02 -26.26 -7.11
CA GLU A 248 9.39 -27.29 -6.14
C GLU A 248 9.35 -26.79 -4.71
N LEU A 249 9.86 -25.58 -4.49
CA LEU A 249 9.87 -25.02 -3.15
C LEU A 249 8.50 -24.55 -2.65
N PHE A 250 7.64 -24.08 -3.54
CA PHE A 250 6.45 -23.33 -3.10
C PHE A 250 5.12 -23.83 -3.59
N SER A 251 5.12 -24.89 -4.41
CA SER A 251 3.84 -25.45 -5.01
C SER A 251 3.20 -26.61 -4.21
N THR A 252 1.95 -27.00 -4.51
CA THR A 252 1.31 -28.17 -3.87
C THR A 252 0.55 -28.99 -4.90
N GLU B 1 12.15 -35.80 -2.72
CA GLU B 1 11.14 -34.92 -3.39
C GLU B 1 11.74 -33.66 -4.02
N PHE B 2 13.02 -33.37 -3.79
CA PHE B 2 13.53 -32.03 -4.10
C PHE B 2 14.76 -32.07 -4.99
N PRO B 3 14.58 -32.54 -6.23
CA PRO B 3 15.77 -32.80 -7.06
C PRO B 3 16.44 -31.54 -7.57
N TYR B 4 15.65 -30.53 -7.89
CA TYR B 4 16.22 -29.27 -8.38
C TYR B 4 16.97 -28.50 -7.27
N LEU B 5 16.50 -28.60 -6.03
CA LEU B 5 17.27 -28.09 -4.89
C LEU B 5 18.54 -28.94 -4.68
N LEU B 6 18.39 -30.26 -4.75
CA LEU B 6 19.52 -31.15 -4.60
C LEU B 6 20.63 -30.90 -5.63
N SER B 7 20.24 -30.59 -6.87
CA SER B 7 21.21 -30.39 -7.93
C SER B 7 22.16 -29.22 -7.60
N LEU B 8 21.59 -28.10 -7.16
CA LEU B 8 22.39 -26.92 -6.83
C LEU B 8 23.30 -27.16 -5.62
N LEU B 9 22.95 -28.11 -4.78
CA LEU B 9 23.85 -28.51 -3.68
C LEU B 9 25.12 -29.24 -4.15
N GLY B 10 25.01 -30.02 -5.23
CA GLY B 10 26.18 -30.65 -5.82
C GLY B 10 27.17 -29.65 -6.41
N PRO C 7 -11.88 -6.05 -60.91
CA PRO C 7 -11.97 -6.93 -59.71
C PRO C 7 -11.84 -6.22 -58.39
N TYR C 8 -12.83 -5.36 -58.11
CA TYR C 8 -12.91 -4.71 -56.77
C TYR C 8 -12.83 -5.72 -55.58
N ALA C 9 -13.61 -6.79 -55.65
CA ALA C 9 -13.77 -7.66 -54.54
C ALA C 9 -12.53 -8.20 -53.92
N SER C 10 -11.58 -8.73 -54.69
CA SER C 10 -10.45 -9.43 -54.10
C SER C 10 -9.44 -8.43 -53.47
N LEU C 11 -9.40 -7.23 -54.05
CA LEU C 11 -8.72 -6.10 -53.39
C LEU C 11 -9.32 -5.83 -52.01
N THR C 12 -10.64 -5.93 -51.87
CA THR C 12 -11.29 -5.79 -50.56
C THR C 12 -10.78 -6.84 -49.56
N GLU C 13 -10.74 -8.11 -49.96
CA GLU C 13 -10.23 -9.18 -49.11
C GLU C 13 -8.76 -8.91 -48.69
N ILE C 14 -7.94 -8.44 -49.65
CA ILE C 14 -6.54 -8.16 -49.32
C ILE C 14 -6.43 -6.99 -48.31
N GLU C 15 -7.21 -5.94 -48.57
CA GLU C 15 -7.26 -4.79 -47.64
C GLU C 15 -7.70 -5.23 -46.27
N HIS C 16 -8.72 -6.08 -46.17
CA HIS C 16 -9.15 -6.58 -44.86
C HIS C 16 -8.05 -7.39 -44.16
N LEU C 17 -7.30 -8.18 -44.91
CA LEU C 17 -6.16 -8.93 -44.32
C LEU C 17 -5.07 -8.02 -43.70
N VAL C 18 -4.77 -6.96 -44.44
CA VAL C 18 -3.77 -5.94 -43.94
C VAL C 18 -4.29 -5.37 -42.66
N GLN C 19 -5.57 -4.96 -42.62
CA GLN C 19 -6.20 -4.41 -41.42
C GLN C 19 -6.15 -5.40 -40.25
N SER C 20 -6.49 -6.65 -40.53
CA SER C 20 -6.53 -7.71 -39.52
C SER C 20 -5.15 -7.92 -38.90
N VAL C 21 -4.15 -8.06 -39.77
CA VAL C 21 -2.76 -8.30 -39.32
C VAL C 21 -2.23 -7.14 -38.48
N CYS C 22 -2.51 -5.92 -38.96
CA CYS C 22 -2.06 -4.73 -38.25
C CYS C 22 -2.68 -4.66 -36.87
N LYS C 23 -3.96 -5.02 -36.76
CA LYS C 23 -4.66 -5.02 -35.47
C LYS C 23 -4.09 -6.07 -34.52
N SER C 24 -3.90 -7.29 -35.03
CA SER C 24 -3.34 -8.38 -34.23
C SER C 24 -2.00 -8.00 -33.65
N TYR C 25 -1.17 -7.35 -34.49
CA TYR C 25 0.11 -6.85 -34.01
C TYR C 25 -0.08 -5.76 -32.91
N ARG C 26 -0.94 -4.78 -33.21
CA ARG C 26 -1.17 -3.65 -32.28
C ARG C 26 -1.53 -4.14 -30.88
N GLU C 27 -2.39 -5.16 -30.85
CA GLU C 27 -2.93 -5.75 -29.63
C GLU C 27 -1.94 -6.60 -28.86
N THR C 28 -0.80 -6.96 -29.47
CA THR C 28 0.15 -7.92 -28.85
C THR C 28 1.61 -7.49 -28.97
N CYS C 29 1.82 -6.17 -29.23
CA CYS C 29 3.17 -5.71 -29.50
C CYS C 29 4.02 -5.62 -28.21
N GLN C 30 3.40 -5.79 -27.03
CA GLN C 30 4.13 -5.94 -25.74
C GLN C 30 5.11 -4.87 -25.25
N LEU C 31 5.13 -3.73 -25.95
CA LEU C 31 5.90 -2.57 -25.56
C LEU C 31 5.38 -1.60 -26.58
N ARG C 32 4.87 -0.46 -26.11
CA ARG C 32 4.37 0.58 -27.03
C ARG C 32 5.55 1.37 -27.56
N LEU C 33 5.52 1.65 -28.85
CA LEU C 33 6.55 2.48 -29.47
C LEU C 33 6.70 3.84 -28.75
N GLU C 34 5.56 4.42 -28.38
CA GLU C 34 5.51 5.70 -27.67
C GLU C 34 6.29 5.69 -26.37
N ASP C 35 6.08 4.66 -25.56
CA ASP C 35 6.87 4.41 -24.33
C ASP C 35 8.37 4.23 -24.62
N LEU C 36 8.72 3.44 -25.63
CA LEU C 36 10.13 3.23 -25.96
C LEU C 36 10.84 4.53 -26.39
N LEU C 37 10.16 5.34 -27.19
CA LEU C 37 10.70 6.62 -27.65
C LEU C 37 10.89 7.56 -26.47
N ARG C 38 9.91 7.59 -25.57
CA ARG C 38 9.92 8.49 -24.42
C ARG C 38 11.05 8.20 -23.46
N GLN C 39 11.51 6.95 -23.45
CA GLN C 39 12.52 6.51 -22.50
C GLN C 39 13.96 6.58 -23.04
N ARG C 40 14.12 7.13 -24.23
CA ARG C 40 15.46 7.22 -24.84
C ARG C 40 16.46 7.99 -23.98
N SER C 41 15.99 9.00 -23.27
CA SER C 41 16.88 9.83 -22.46
C SER C 41 17.23 9.17 -21.09
N ASN C 42 16.60 8.03 -20.84
CA ASN C 42 16.78 7.27 -19.61
C ASN C 42 17.82 6.15 -19.82
N ILE C 43 19.06 6.46 -19.42
CA ILE C 43 20.26 5.71 -19.83
C ILE C 43 21.09 5.26 -18.63
N PHE C 44 21.47 3.98 -18.60
CA PHE C 44 22.28 3.48 -17.48
C PHE C 44 23.55 4.30 -17.20
N SER C 45 23.73 4.65 -15.92
CA SER C 45 24.93 5.32 -15.46
C SER C 45 26.11 4.36 -15.50
N ARG C 46 27.31 4.90 -15.40
CA ARG C 46 28.53 4.10 -15.28
C ARG C 46 28.45 3.06 -14.15
N GLU C 47 27.96 3.46 -12.97
CA GLU C 47 27.86 2.55 -11.82
C GLU C 47 26.91 1.39 -12.13
N GLU C 48 25.82 1.72 -12.83
CA GLU C 48 24.80 0.73 -13.19
C GLU C 48 25.36 -0.28 -14.15
N VAL C 49 26.08 0.21 -15.16
CA VAL C 49 26.80 -0.63 -16.11
C VAL C 49 27.79 -1.56 -15.41
N THR C 50 28.63 -1.01 -14.54
CA THR C 50 29.54 -1.82 -13.73
C THR C 50 28.80 -2.97 -12.99
N GLY C 51 27.64 -2.64 -12.42
CA GLY C 51 26.79 -3.59 -11.74
C GLY C 51 26.42 -4.78 -12.62
N TYR C 52 26.03 -4.52 -13.86
CA TYR C 52 25.74 -5.59 -14.82
C TYR C 52 26.98 -6.37 -15.20
N GLN C 53 28.11 -5.68 -15.36
CA GLN C 53 29.35 -6.37 -15.81
C GLN C 53 29.90 -7.29 -14.70
N ARG C 54 29.58 -6.96 -13.45
CA ARG C 54 29.97 -7.78 -12.29
C ARG C 54 29.00 -8.97 -12.03
N LYS C 55 27.86 -8.94 -12.69
CA LYS C 55 26.95 -10.10 -12.56
C LYS C 55 27.57 -11.40 -13.04
N SER C 56 27.13 -12.51 -12.50
CA SER C 56 27.68 -13.72 -13.00
C SER C 56 27.11 -14.03 -14.33
N MET C 57 27.81 -14.87 -15.06
CA MET C 57 27.29 -15.44 -16.30
C MET C 57 25.90 -16.04 -16.13
N TRP C 58 25.74 -16.88 -15.09
CA TRP C 58 24.44 -17.59 -14.89
C TRP C 58 23.35 -16.59 -14.62
N GLU C 59 23.58 -15.56 -13.84
CA GLU C 59 22.49 -14.61 -13.50
C GLU C 59 22.07 -13.83 -14.75
N MET C 60 23.04 -13.38 -15.53
CA MET C 60 22.75 -12.62 -16.75
C MET C 60 22.00 -13.54 -17.78
N TRP C 61 22.46 -14.79 -17.92
CA TRP C 61 21.76 -15.75 -18.79
C TRP C 61 20.30 -16.00 -18.35
N GLU C 62 20.13 -16.19 -17.07
CA GLU C 62 18.79 -16.50 -16.58
C GLU C 62 17.87 -15.31 -16.69
N ARG C 63 18.40 -14.10 -16.48
CA ARG C 63 17.60 -12.88 -16.67
C ARG C 63 17.16 -12.77 -18.12
N CYS C 64 18.10 -12.94 -19.05
CA CYS C 64 17.77 -12.80 -20.45
C CYS C 64 16.77 -13.87 -20.88
N ALA C 65 16.93 -15.10 -20.37
CA ALA C 65 16.02 -16.21 -20.73
C ALA C 65 14.61 -15.87 -20.23
N HIS C 66 14.52 -15.30 -19.03
CA HIS C 66 13.18 -14.88 -18.52
C HIS C 66 12.52 -13.87 -19.45
N HIS C 67 13.28 -12.82 -19.77
CA HIS C 67 12.73 -11.72 -20.64
C HIS C 67 12.37 -12.22 -22.02
N LEU C 68 13.22 -13.06 -22.61
CA LEU C 68 12.91 -13.69 -23.93
C LEU C 68 11.66 -14.53 -23.86
N THR C 69 11.50 -15.30 -22.79
CA THR C 69 10.32 -16.14 -22.59
C THR C 69 9.01 -15.28 -22.57
N GLU C 70 9.04 -14.21 -21.77
CA GLU C 70 7.97 -13.22 -21.74
C GLU C 70 7.61 -12.68 -23.14
N ALA C 71 8.61 -12.25 -23.89
CA ALA C 71 8.43 -11.80 -25.30
C ALA C 71 7.86 -12.86 -26.17
N ILE C 72 8.37 -14.08 -26.07
CA ILE C 72 7.85 -15.20 -26.87
C ILE C 72 6.38 -15.46 -26.55
N GLN C 73 6.00 -15.31 -25.27
CA GLN C 73 4.57 -15.44 -24.95
C GLN C 73 3.65 -14.45 -25.73
N TYR C 74 4.11 -13.22 -25.92
CA TYR C 74 3.36 -12.25 -26.71
C TYR C 74 3.31 -12.66 -28.19
N VAL C 75 4.40 -13.25 -28.68
CA VAL C 75 4.43 -13.73 -30.05
C VAL C 75 3.45 -14.91 -30.25
N VAL C 76 3.31 -15.79 -29.26
CA VAL C 76 2.31 -16.86 -29.35
C VAL C 76 0.92 -16.21 -29.44
N GLU C 77 0.64 -15.24 -28.58
CA GLU C 77 -0.63 -14.48 -28.66
C GLU C 77 -0.88 -13.80 -30.05
N PHE C 78 0.16 -13.09 -30.56
CA PHE C 78 0.16 -12.57 -31.93
C PHE C 78 -0.28 -13.67 -32.93
N ALA C 79 0.42 -14.81 -32.91
CA ALA C 79 0.07 -15.97 -33.78
C ALA C 79 -1.39 -16.39 -33.66
N LYS C 80 -1.87 -16.60 -32.42
CA LYS C 80 -3.26 -17.03 -32.16
C LYS C 80 -4.27 -16.01 -32.65
N ARG C 81 -3.88 -14.74 -32.68
CA ARG C 81 -4.79 -13.67 -33.17
C ARG C 81 -4.63 -13.39 -34.67
N LEU C 82 -3.67 -14.06 -35.29
CA LEU C 82 -3.27 -13.77 -36.67
C LEU C 82 -4.18 -14.46 -37.64
N SER C 83 -4.75 -13.69 -38.58
CA SER C 83 -5.70 -14.24 -39.54
C SER C 83 -5.08 -15.48 -40.18
N GLY C 84 -5.78 -16.61 -40.10
CA GLY C 84 -5.31 -17.82 -40.77
C GLY C 84 -4.33 -18.75 -40.07
N PHE C 85 -3.77 -18.29 -38.95
CA PHE C 85 -2.92 -19.17 -38.13
C PHE C 85 -3.70 -20.31 -37.47
N MET C 86 -4.85 -20.01 -36.88
CA MET C 86 -5.70 -21.04 -36.26
C MET C 86 -6.37 -21.99 -37.26
N GLU C 87 -6.24 -21.68 -38.55
CA GLU C 87 -6.66 -22.60 -39.63
C GLU C 87 -5.62 -23.69 -39.88
N LEU C 88 -4.37 -23.47 -39.46
CA LEU C 88 -3.31 -24.48 -39.63
C LEU C 88 -3.54 -25.61 -38.67
N CYS C 89 -2.97 -26.78 -38.94
CA CYS C 89 -3.13 -27.90 -38.01
C CYS C 89 -2.26 -27.66 -36.78
N GLN C 90 -2.57 -28.32 -35.67
CA GLN C 90 -1.80 -28.18 -34.44
C GLN C 90 -0.29 -28.32 -34.61
N ASN C 91 0.09 -29.38 -35.33
CA ASN C 91 1.51 -29.67 -35.60
C ASN C 91 2.19 -28.49 -36.30
N ASP C 92 1.54 -27.95 -37.32
CA ASP C 92 2.11 -26.83 -38.06
C ASP C 92 2.18 -25.55 -37.24
N GLN C 93 1.18 -25.27 -36.44
CA GLN C 93 1.20 -24.12 -35.51
C GLN C 93 2.46 -24.24 -34.61
N ILE C 94 2.64 -25.41 -34.01
CA ILE C 94 3.82 -25.67 -33.17
C ILE C 94 5.18 -25.51 -33.92
N VAL C 95 5.27 -26.13 -35.10
CA VAL C 95 6.48 -26.06 -35.92
C VAL C 95 6.84 -24.59 -36.27
N LEU C 96 5.86 -23.82 -36.69
CA LEU C 96 6.09 -22.40 -37.09
C LEU C 96 6.49 -21.58 -35.87
N LEU C 97 5.80 -21.76 -34.75
CA LEU C 97 6.17 -21.02 -33.51
C LEU C 97 7.53 -21.42 -32.92
N LYS C 98 7.82 -22.72 -32.91
CA LYS C 98 9.11 -23.16 -32.40
C LYS C 98 10.30 -22.62 -33.19
N ALA C 99 10.16 -22.55 -34.51
CA ALA C 99 11.21 -22.02 -35.37
C ALA C 99 11.21 -20.48 -35.43
N GLY C 100 10.02 -19.89 -35.33
CA GLY C 100 9.79 -18.49 -35.73
C GLY C 100 9.59 -17.51 -34.64
N ALA C 101 9.21 -17.96 -33.42
CA ALA C 101 9.03 -17.03 -32.27
C ALA C 101 10.28 -16.16 -32.00
N MET C 102 11.45 -16.78 -31.90
CA MET C 102 12.71 -16.04 -31.74
C MET C 102 13.04 -15.08 -32.92
N GLU C 103 12.77 -15.51 -34.15
CA GLU C 103 12.97 -14.64 -35.33
C GLU C 103 12.03 -13.39 -35.29
N VAL C 104 10.82 -13.57 -34.76
CA VAL C 104 9.91 -12.43 -34.57
C VAL C 104 10.44 -11.46 -33.47
N VAL C 105 10.87 -12.02 -32.35
CA VAL C 105 11.43 -11.19 -31.27
C VAL C 105 12.61 -10.35 -31.79
N LEU C 106 13.50 -10.98 -32.55
CA LEU C 106 14.67 -10.28 -33.13
C LEU C 106 14.25 -9.12 -34.00
N VAL C 107 13.24 -9.29 -34.84
CA VAL C 107 12.70 -8.16 -35.63
C VAL C 107 12.09 -7.06 -34.69
N ARG C 108 11.24 -7.48 -33.76
CA ARG C 108 10.63 -6.59 -32.76
C ARG C 108 11.68 -5.73 -31.99
N MET C 109 12.84 -6.32 -31.82
CA MET C 109 13.94 -5.63 -31.13
C MET C 109 14.33 -4.28 -31.73
N CYS C 110 14.18 -4.09 -33.04
CA CYS C 110 14.63 -2.83 -33.63
C CYS C 110 13.88 -1.61 -33.07
N ARG C 111 12.65 -1.84 -32.58
CA ARG C 111 11.87 -0.76 -31.93
C ARG C 111 12.53 -0.29 -30.67
N ALA C 112 13.22 -1.22 -29.99
CA ALA C 112 13.78 -0.98 -28.67
C ALA C 112 15.27 -0.69 -28.77
N TYR C 113 15.70 -0.38 -30.01
CA TYR C 113 17.04 0.07 -30.33
C TYR C 113 17.09 1.54 -30.73
N ASN C 114 18.08 2.25 -30.22
CA ASN C 114 18.29 3.70 -30.58
C ASN C 114 19.60 3.84 -31.31
N ALA C 115 19.56 4.02 -32.62
CA ALA C 115 20.78 4.12 -33.46
C ALA C 115 21.68 5.33 -33.20
N ASP C 116 21.13 6.41 -32.63
CA ASP C 116 21.91 7.66 -32.39
C ASP C 116 23.06 7.39 -31.44
N ASN C 117 22.75 6.67 -30.36
CA ASN C 117 23.72 6.38 -29.31
C ASN C 117 23.96 4.88 -29.15
N ARG C 118 23.40 4.09 -30.06
CA ARG C 118 23.60 2.62 -30.12
C ARG C 118 23.22 1.94 -28.81
N THR C 119 22.06 2.30 -28.29
CA THR C 119 21.56 1.61 -27.05
C THR C 119 20.37 0.73 -27.33
N VAL C 120 20.17 -0.21 -26.43
CA VAL C 120 18.96 -1.04 -26.40
C VAL C 120 18.25 -0.84 -25.06
N PHE C 121 16.91 -0.90 -25.10
CA PHE C 121 16.08 -0.91 -23.89
C PHE C 121 16.15 -2.28 -23.17
N PHE C 122 16.69 -2.25 -21.95
CA PHE C 122 16.89 -3.49 -21.18
C PHE C 122 16.70 -3.24 -19.70
N GLU C 123 15.79 -3.98 -19.08
CA GLU C 123 15.51 -3.84 -17.62
C GLU C 123 15.29 -2.36 -17.20
N GLY C 124 14.53 -1.66 -18.02
CA GLY C 124 14.02 -0.33 -17.67
C GLY C 124 14.78 0.88 -18.16
N LYS C 125 16.01 0.71 -18.64
CA LYS C 125 16.82 1.77 -19.16
C LYS C 125 17.52 1.37 -20.47
N TYR C 126 18.04 2.37 -21.19
CA TYR C 126 18.83 2.12 -22.36
C TYR C 126 20.29 1.90 -21.96
N GLY C 127 20.91 0.85 -22.49
CA GLY C 127 22.37 0.69 -22.39
C GLY C 127 22.99 0.18 -23.68
N GLY C 128 24.31 0.30 -23.78
CA GLY C 128 25.07 -0.20 -24.91
C GLY C 128 25.34 -1.67 -24.78
N MET C 129 26.05 -2.21 -25.78
CA MET C 129 26.34 -3.65 -25.76
C MET C 129 27.28 -4.03 -24.65
N GLU C 130 28.04 -3.05 -24.11
CA GLU C 130 28.89 -3.31 -22.95
C GLU C 130 28.06 -3.83 -21.75
N LEU C 131 26.76 -3.54 -21.72
CA LEU C 131 25.88 -4.02 -20.64
C LEU C 131 25.89 -5.55 -20.51
N PHE C 132 26.12 -6.23 -21.66
CA PHE C 132 25.95 -7.69 -21.78
C PHE C 132 27.25 -8.49 -21.64
N ARG C 133 28.28 -7.83 -21.14
CA ARG C 133 29.62 -8.42 -21.13
C ARG C 133 29.69 -9.75 -20.39
N ALA C 134 28.97 -9.84 -19.28
CA ALA C 134 29.05 -11.07 -18.46
C ALA C 134 28.46 -12.31 -19.15
N LEU C 135 27.63 -12.12 -20.18
CA LEU C 135 27.13 -13.26 -20.93
C LEU C 135 28.27 -14.09 -21.57
N GLY C 136 29.37 -13.44 -21.89
CA GLY C 136 30.49 -14.18 -22.52
C GLY C 136 30.16 -14.65 -23.94
N CYS C 137 29.36 -13.88 -24.66
CA CYS C 137 29.07 -14.19 -26.08
C CYS C 137 29.08 -12.92 -26.92
N SER C 138 30.28 -12.33 -26.97
CA SER C 138 30.49 -11.03 -27.62
C SER C 138 30.10 -10.99 -29.10
N GLU C 139 30.40 -12.05 -29.85
CA GLU C 139 30.07 -12.09 -31.29
C GLU C 139 28.55 -12.07 -31.47
N LEU C 140 27.84 -12.90 -30.71
CA LEU C 140 26.37 -12.93 -30.79
C LEU C 140 25.74 -11.58 -30.45
N ILE C 141 26.18 -10.98 -29.34
CA ILE C 141 25.65 -9.69 -28.95
C ILE C 141 25.87 -8.63 -30.06
N SER C 142 27.09 -8.54 -30.56
CA SER C 142 27.41 -7.63 -31.67
C SER C 142 26.57 -7.88 -32.91
N SER C 143 26.35 -9.16 -33.23
CA SER C 143 25.48 -9.53 -34.35
C SER C 143 24.02 -9.10 -34.13
N ILE C 144 23.53 -9.23 -32.88
CA ILE C 144 22.16 -8.78 -32.58
C ILE C 144 22.04 -7.29 -32.74
N PHE C 145 23.05 -6.56 -32.24
CA PHE C 145 23.02 -5.11 -32.34
C PHE C 145 23.12 -4.69 -33.80
N ASP C 146 23.94 -5.40 -34.57
CA ASP C 146 24.07 -5.09 -36.00
C ASP C 146 22.75 -5.29 -36.71
N PHE C 147 22.05 -6.36 -36.34
CA PHE C 147 20.79 -6.70 -36.95
C PHE C 147 19.78 -5.57 -36.68
N SER C 148 19.65 -5.17 -35.40
CA SER C 148 18.80 -4.02 -35.03
C SER C 148 19.16 -2.73 -35.77
N HIS C 149 20.47 -2.46 -35.86
CA HIS C 149 20.92 -1.28 -36.58
C HIS C 149 20.47 -1.33 -38.03
N SER C 150 20.63 -2.48 -38.68
CA SER C 150 20.19 -2.65 -40.08
C SER C 150 18.68 -2.47 -40.27
N LEU C 151 17.86 -2.96 -39.31
CA LEU C 151 16.42 -2.68 -39.36
C LEU C 151 16.06 -1.23 -39.09
N SER C 152 16.72 -0.62 -38.10
CA SER C 152 16.51 0.80 -37.83
C SER C 152 16.65 1.64 -39.10
N ALA C 153 17.53 1.20 -40.00
CA ALA C 153 17.83 1.99 -41.18
C ALA C 153 16.68 1.94 -42.17
N LEU C 154 15.81 0.94 -42.03
CA LEU C 154 14.64 0.82 -42.92
C LEU C 154 13.57 1.76 -42.48
N HIS C 155 13.67 2.23 -41.22
CA HIS C 155 12.63 3.01 -40.56
C HIS C 155 11.20 2.45 -40.77
N PHE C 156 10.99 1.21 -40.35
CA PHE C 156 9.67 0.59 -40.39
C PHE C 156 8.63 1.38 -39.62
N SER C 157 7.43 1.50 -40.17
CA SER C 157 6.27 1.90 -39.39
C SER C 157 5.79 0.67 -38.60
N GLU C 158 4.92 0.92 -37.61
CA GLU C 158 4.25 -0.18 -36.91
C GLU C 158 3.49 -1.09 -37.84
N ASP C 159 2.84 -0.55 -38.88
CA ASP C 159 2.10 -1.41 -39.80
C ASP C 159 3.02 -2.32 -40.59
N GLU C 160 4.17 -1.79 -40.99
CA GLU C 160 5.17 -2.52 -41.75
C GLU C 160 5.74 -3.63 -40.90
N ILE C 161 6.04 -3.35 -39.62
CA ILE C 161 6.61 -4.42 -38.83
C ILE C 161 5.53 -5.52 -38.56
N ALA C 162 4.28 -5.11 -38.46
CA ALA C 162 3.19 -6.07 -38.27
C ALA C 162 3.14 -7.05 -39.46
N LEU C 163 3.07 -6.50 -40.66
CA LEU C 163 2.99 -7.29 -41.87
C LEU C 163 4.27 -8.15 -42.09
N TYR C 164 5.43 -7.53 -41.88
CA TYR C 164 6.70 -8.26 -42.04
C TYR C 164 6.86 -9.39 -41.02
N THR C 165 6.54 -9.14 -39.76
CA THR C 165 6.67 -10.22 -38.74
C THR C 165 5.67 -11.35 -38.95
N ALA C 166 4.49 -11.02 -39.49
CA ALA C 166 3.52 -12.06 -39.86
C ALA C 166 4.20 -13.02 -40.84
N LEU C 167 4.94 -12.43 -41.79
CA LEU C 167 5.64 -13.23 -42.79
C LEU C 167 6.83 -14.01 -42.25
N VAL C 168 7.56 -13.43 -41.32
CA VAL C 168 8.64 -14.14 -40.63
C VAL C 168 8.08 -15.42 -39.98
N LEU C 169 6.88 -15.30 -39.40
CA LEU C 169 6.27 -16.45 -38.71
C LEU C 169 5.66 -17.44 -39.69
N ILE C 170 4.84 -16.98 -40.66
CA ILE C 170 4.23 -17.89 -41.62
C ILE C 170 5.24 -18.21 -42.72
N ASN C 171 6.17 -19.12 -42.47
CA ASN C 171 7.31 -19.30 -43.33
C ASN C 171 7.31 -20.78 -43.75
N ALA C 172 6.90 -21.07 -45.01
CA ALA C 172 6.56 -22.44 -45.40
C ALA C 172 7.79 -23.25 -45.69
N HIS C 173 9.01 -22.74 -45.51
CA HIS C 173 10.25 -23.50 -45.66
C HIS C 173 10.72 -24.18 -44.38
N ARG C 174 9.95 -24.08 -43.28
CA ARG C 174 10.33 -24.82 -42.08
C ARG C 174 10.13 -26.32 -42.29
N PRO C 175 11.17 -27.12 -42.00
CA PRO C 175 11.06 -28.61 -41.94
C PRO C 175 9.94 -29.12 -41.04
N GLY C 176 9.26 -30.17 -41.48
CA GLY C 176 8.33 -30.93 -40.62
C GLY C 176 6.87 -30.50 -40.67
N LEU C 177 6.55 -29.64 -41.64
CA LEU C 177 5.16 -29.22 -41.84
C LEU C 177 4.35 -30.35 -42.45
N GLN C 178 3.09 -30.47 -42.03
CA GLN C 178 2.16 -31.52 -42.48
C GLN C 178 1.09 -31.09 -43.51
N GLU C 179 0.87 -29.79 -43.58
CA GLU C 179 0.00 -29.22 -44.60
C GLU C 179 0.77 -28.05 -45.21
N LYS C 180 1.88 -28.40 -45.82
CA LYS C 180 2.82 -27.45 -46.39
C LYS C 180 2.14 -26.52 -47.42
N ARG C 181 1.30 -27.13 -48.25
CA ARG C 181 0.59 -26.38 -49.30
C ARG C 181 -0.34 -25.37 -48.64
N LYS C 182 -0.96 -25.77 -47.54
CA LYS C 182 -1.83 -24.87 -46.78
C LYS C 182 -1.01 -23.70 -46.25
N VAL C 183 0.17 -23.97 -45.73
CA VAL C 183 1.02 -22.90 -45.15
C VAL C 183 1.57 -22.01 -46.29
N GLU C 184 1.95 -22.63 -47.42
CA GLU C 184 2.35 -21.87 -48.60
C GLU C 184 1.28 -20.84 -49.04
N GLN C 185 0.02 -21.25 -49.03
CA GLN C 185 -1.08 -20.37 -49.45
C GLN C 185 -1.29 -19.22 -48.45
N LEU C 186 -1.20 -19.55 -47.17
CA LEU C 186 -1.28 -18.51 -46.14
C LEU C 186 -0.16 -17.49 -46.33
N GLN C 187 1.06 -17.96 -46.50
CA GLN C 187 2.23 -17.09 -46.74
C GLN C 187 1.96 -16.23 -47.96
N TYR C 188 1.49 -16.83 -49.05
CA TYR C 188 1.27 -16.06 -50.26
C TYR C 188 0.23 -14.92 -50.04
N ASN C 189 -0.87 -15.24 -49.39
CA ASN C 189 -1.87 -14.24 -49.09
C ASN C 189 -1.30 -13.10 -48.20
N LEU C 190 -0.47 -13.49 -47.24
CA LEU C 190 0.22 -12.51 -46.40
C LEU C 190 1.20 -11.66 -47.21
N GLU C 191 1.86 -12.25 -48.21
CA GLU C 191 2.75 -11.48 -49.14
C GLU C 191 1.94 -10.49 -49.94
N LEU C 192 0.79 -10.93 -50.43
CA LEU C 192 -0.14 -10.03 -51.12
C LEU C 192 -0.52 -8.81 -50.27
N ALA C 193 -0.89 -9.08 -49.01
CA ALA C 193 -1.25 -8.05 -48.06
C ALA C 193 -0.06 -7.08 -47.85
N PHE C 194 1.10 -7.66 -47.56
CA PHE C 194 2.35 -6.87 -47.33
C PHE C 194 2.63 -6.00 -48.56
N HIS C 195 2.59 -6.61 -49.74
CA HIS C 195 2.95 -5.90 -50.96
C HIS C 195 1.93 -4.82 -51.32
N HIS C 196 0.64 -5.09 -51.10
CA HIS C 196 -0.44 -4.12 -51.32
C HIS C 196 -0.16 -2.90 -50.43
N HIS C 197 0.08 -3.17 -49.16
CA HIS C 197 0.33 -2.09 -48.22
C HIS C 197 1.54 -1.24 -48.60
N LEU C 198 2.63 -1.90 -48.97
CA LEU C 198 3.84 -1.22 -49.38
C LEU C 198 3.63 -0.41 -50.67
N CYS C 199 2.93 -0.98 -51.63
CA CYS C 199 2.64 -0.29 -52.91
C CYS C 199 1.85 1.02 -52.67
N LYS C 200 0.85 0.96 -51.81
CA LYS C 200 -0.01 2.06 -51.46
C LYS C 200 0.65 3.17 -50.66
N THR C 201 1.70 2.81 -49.99
CA THR C 201 2.46 3.78 -49.18
C THR C 201 3.80 4.16 -49.83
N HIS C 202 3.97 3.77 -51.08
CA HIS C 202 5.20 4.02 -51.88
C HIS C 202 6.46 3.51 -51.18
N ARG C 203 6.36 2.31 -50.61
CA ARG C 203 7.45 1.73 -49.84
C ARG C 203 7.89 0.38 -50.40
N GLN C 204 7.53 0.07 -51.66
CA GLN C 204 7.99 -1.22 -52.22
C GLN C 204 9.51 -1.31 -52.29
N SER C 205 10.23 -0.18 -52.39
CA SER C 205 11.69 -0.18 -52.41
C SER C 205 12.34 -0.89 -51.20
N ILE C 206 11.61 -1.00 -50.09
CA ILE C 206 12.20 -1.64 -48.90
C ILE C 206 12.38 -3.14 -49.08
N LEU C 207 11.62 -3.75 -49.99
CA LEU C 207 11.64 -5.24 -50.15
C LEU C 207 13.06 -5.77 -50.40
N ALA C 208 13.76 -5.06 -51.29
CA ALA C 208 15.14 -5.42 -51.65
C ALA C 208 16.10 -5.25 -50.48
N LYS C 209 15.63 -4.61 -49.42
CA LYS C 209 16.51 -4.25 -48.28
C LYS C 209 16.24 -5.06 -47.04
N LEU C 210 15.31 -5.99 -47.12
CA LEU C 210 15.00 -6.80 -45.97
C LEU C 210 16.11 -7.76 -45.72
N PRO C 211 16.10 -8.31 -44.45
CA PRO C 211 17.17 -9.27 -44.21
C PRO C 211 17.10 -10.46 -45.07
N PRO C 212 18.35 -10.90 -45.48
CA PRO C 212 18.32 -12.06 -46.34
C PRO C 212 17.75 -13.28 -45.71
N LYS C 213 17.23 -14.14 -46.56
CA LYS C 213 16.63 -15.37 -46.12
C LYS C 213 17.73 -16.12 -45.40
N GLY C 214 17.55 -16.39 -44.12
CA GLY C 214 18.61 -17.07 -43.43
C GLY C 214 19.48 -16.25 -42.51
N LYS C 215 19.24 -14.95 -42.42
CA LYS C 215 19.98 -14.13 -41.49
C LYS C 215 19.27 -14.41 -40.21
N LEU C 216 17.95 -14.43 -40.18
CA LEU C 216 17.24 -14.82 -38.97
C LEU C 216 17.64 -16.22 -38.48
N ARG C 217 17.69 -17.17 -39.41
CA ARG C 217 18.14 -18.55 -39.07
C ARG C 217 19.51 -18.57 -38.40
N SER C 218 20.50 -17.91 -38.98
CA SER C 218 21.84 -17.80 -38.39
C SER C 218 21.85 -17.19 -36.97
N LEU C 219 21.08 -16.14 -36.77
CA LEU C 219 20.99 -15.55 -35.42
C LEU C 219 20.46 -16.55 -34.40
N CYS C 220 19.42 -17.29 -34.78
CA CYS C 220 18.83 -18.31 -33.89
C CYS C 220 19.80 -19.45 -33.69
N SER C 221 20.52 -19.82 -34.74
CA SER C 221 21.52 -20.90 -34.65
C SER C 221 22.63 -20.46 -33.71
N GLN C 222 23.08 -19.22 -33.84
CA GLN C 222 24.11 -18.74 -32.94
C GLN C 222 23.64 -18.75 -31.46
N HIS C 223 22.40 -18.32 -31.22
CA HIS C 223 21.80 -18.36 -29.88
C HIS C 223 21.90 -19.77 -29.30
N VAL C 224 21.41 -20.75 -30.06
CA VAL C 224 21.54 -22.16 -29.64
C VAL C 224 22.98 -22.60 -29.35
N GLU C 225 23.95 -22.22 -30.17
CA GLU C 225 25.39 -22.55 -29.96
C GLU C 225 25.95 -21.90 -28.68
N ARG C 226 25.66 -20.63 -28.46
CA ARG C 226 26.11 -19.96 -27.25
C ARG C 226 25.45 -20.58 -25.98
N LEU C 227 24.19 -21.01 -26.13
CA LEU C 227 23.51 -21.64 -25.00
C LEU C 227 24.17 -22.97 -24.66
N GLN C 228 24.51 -23.75 -25.68
CA GLN C 228 25.24 -25.00 -25.50
C GLN C 228 26.56 -24.74 -24.78
N ILE C 229 27.28 -23.66 -25.09
CA ILE C 229 28.53 -23.34 -24.39
C ILE C 229 28.22 -23.06 -22.89
N PHE C 230 27.21 -22.23 -22.68
CA PHE C 230 26.83 -21.89 -21.32
C PHE C 230 26.41 -23.15 -20.53
N GLN C 231 25.60 -23.99 -21.16
CA GLN C 231 25.08 -25.20 -20.52
C GLN C 231 26.21 -26.16 -20.14
N HIS C 232 27.23 -26.26 -20.97
CA HIS C 232 28.44 -27.01 -20.60
C HIS C 232 29.25 -26.35 -19.45
N LEU C 233 29.21 -25.02 -19.33
CA LEU C 233 29.82 -24.36 -18.19
C LEU C 233 29.01 -24.48 -16.90
N HIS C 234 27.70 -24.45 -17.02
CA HIS C 234 26.74 -24.39 -15.91
C HIS C 234 25.52 -25.35 -16.11
N PRO C 235 25.77 -26.67 -16.15
CA PRO C 235 24.78 -27.64 -16.55
C PRO C 235 23.50 -27.71 -15.74
N ILE C 236 23.66 -27.60 -14.44
CA ILE C 236 22.45 -27.70 -13.57
C ILE C 236 21.48 -26.50 -13.81
N VAL C 237 22.04 -25.29 -14.02
CA VAL C 237 21.23 -24.05 -13.90
C VAL C 237 20.05 -24.01 -14.82
N VAL C 238 20.22 -24.43 -16.09
CA VAL C 238 19.07 -24.43 -17.01
C VAL C 238 17.97 -25.37 -16.52
N GLN C 239 18.26 -26.60 -16.15
CA GLN C 239 17.20 -27.46 -15.70
C GLN C 239 16.58 -27.00 -14.37
N ALA C 240 17.37 -26.34 -13.54
CA ALA C 240 16.87 -25.91 -12.21
C ALA C 240 16.10 -24.60 -12.24
N ALA C 241 16.60 -23.64 -13.02
CA ALA C 241 16.23 -22.24 -12.80
C ALA C 241 15.58 -21.55 -14.00
N PHE C 242 15.88 -21.98 -15.21
CA PHE C 242 15.36 -21.35 -16.44
C PHE C 242 13.85 -21.67 -16.62
N PRO C 243 13.10 -20.77 -17.29
CA PRO C 243 11.72 -21.08 -17.63
C PRO C 243 11.66 -22.29 -18.55
N PRO C 244 10.75 -23.22 -18.20
CA PRO C 244 10.63 -24.48 -18.92
C PRO C 244 10.45 -24.33 -20.42
N LEU C 245 9.62 -23.37 -20.85
CA LEU C 245 9.44 -23.10 -22.28
C LEU C 245 10.76 -22.77 -22.97
N TYR C 246 11.58 -21.93 -22.32
CA TYR C 246 12.89 -21.55 -22.90
C TYR C 246 13.76 -22.79 -23.12
N LYS C 247 13.87 -23.63 -22.09
CA LYS C 247 14.58 -24.91 -22.20
C LYS C 247 14.06 -25.76 -23.37
N GLU C 248 12.73 -25.89 -23.45
CA GLU C 248 12.10 -26.68 -24.49
C GLU C 248 12.38 -26.17 -25.89
N LEU C 249 12.32 -24.85 -26.05
CA LEU C 249 12.58 -24.26 -27.37
C LEU C 249 14.05 -24.26 -27.79
N PHE C 250 14.97 -24.16 -26.83
CA PHE C 250 16.37 -23.83 -27.20
C PHE C 250 17.41 -24.81 -26.72
N SER C 251 17.02 -25.80 -25.90
CA SER C 251 18.08 -26.60 -25.13
C SER C 251 18.53 -27.93 -25.76
N GLU D 1 7.34 -33.92 -28.04
CA GLU D 1 6.58 -32.73 -28.49
C GLU D 1 7.06 -31.48 -27.75
N PHE D 2 6.26 -30.42 -27.83
CA PHE D 2 6.53 -29.18 -27.15
C PHE D 2 5.29 -28.91 -26.31
N PRO D 3 5.15 -29.69 -25.19
CA PRO D 3 3.96 -29.62 -24.31
C PRO D 3 3.72 -28.23 -23.71
N TYR D 4 4.80 -27.57 -23.28
CA TYR D 4 4.71 -26.26 -22.69
C TYR D 4 4.19 -25.25 -23.72
N LEU D 5 4.82 -25.25 -24.89
CA LEU D 5 4.41 -24.39 -26.01
C LEU D 5 3.01 -24.74 -26.48
N LEU D 6 2.72 -26.04 -26.51
CA LEU D 6 1.39 -26.52 -26.88
C LEU D 6 0.39 -26.05 -25.86
N SER D 7 0.75 -26.04 -24.57
CA SER D 7 -0.16 -25.55 -23.49
C SER D 7 -0.63 -24.07 -23.64
N LEU D 8 0.29 -23.19 -24.07
CA LEU D 8 -0.04 -21.77 -24.31
C LEU D 8 -0.93 -21.51 -25.52
N LEU D 9 -1.03 -22.47 -26.44
CA LEU D 9 -2.01 -22.34 -27.56
C LEU D 9 -3.44 -22.54 -27.12
N GLY D 10 -3.68 -23.25 -26.00
CA GLY D 10 -5.02 -23.29 -25.37
C GLY D 10 -5.68 -21.94 -25.06
N ALA E 9 5.99 -0.45 52.70
CA ALA E 9 6.66 0.29 51.58
C ALA E 9 7.48 1.47 52.14
N SER E 10 8.77 1.49 51.82
CA SER E 10 9.67 2.41 52.49
C SER E 10 9.52 3.84 51.95
N LEU E 11 10.04 4.82 52.68
CA LEU E 11 10.02 6.20 52.22
C LEU E 11 10.71 6.35 50.85
N THR E 12 11.82 5.64 50.66
CA THR E 12 12.51 5.67 49.36
C THR E 12 11.60 5.12 48.22
N GLU E 13 10.94 3.97 48.47
CA GLU E 13 10.02 3.41 47.48
C GLU E 13 8.86 4.38 47.17
N ILE E 14 8.33 5.04 48.22
CA ILE E 14 7.24 6.02 47.97
C ILE E 14 7.72 7.22 47.18
N GLU E 15 8.91 7.73 47.51
CA GLU E 15 9.53 8.82 46.73
C GLU E 15 9.70 8.39 45.26
N HIS E 16 10.21 7.18 45.04
CA HIS E 16 10.37 6.70 43.67
C HIS E 16 8.99 6.55 42.94
N LEU E 17 7.97 6.10 43.68
CA LEU E 17 6.62 6.01 43.14
C LEU E 17 6.04 7.36 42.67
N VAL E 18 6.30 8.43 43.43
CA VAL E 18 5.90 9.78 43.03
C VAL E 18 6.51 10.11 41.67
N GLN E 19 7.81 9.90 41.54
CA GLN E 19 8.54 10.13 40.28
C GLN E 19 7.96 9.29 39.13
N SER E 20 7.73 8.01 39.43
CA SER E 20 7.20 7.07 38.43
C SER E 20 5.83 7.53 37.90
N VAL E 21 4.93 7.85 38.84
CA VAL E 21 3.56 8.28 38.48
C VAL E 21 3.59 9.59 37.68
N CYS E 22 4.41 10.53 38.12
CA CYS E 22 4.54 11.80 37.42
C CYS E 22 5.02 11.59 36.00
N LYS E 23 5.97 10.68 35.81
CA LYS E 23 6.49 10.38 34.47
C LYS E 23 5.42 9.74 33.57
N SER E 24 4.71 8.74 34.12
CA SER E 24 3.64 8.05 33.41
C SER E 24 2.60 9.04 32.92
N TYR E 25 2.25 9.99 33.78
CA TYR E 25 1.32 11.06 33.41
C TYR E 25 1.92 11.94 32.29
N ARG E 26 3.16 12.39 32.48
CA ARG E 26 3.84 13.28 31.50
C ARG E 26 3.80 12.69 30.09
N GLU E 27 4.06 11.40 30.02
CA GLU E 27 4.12 10.62 28.77
C GLU E 27 2.78 10.39 28.10
N THR E 28 1.67 10.61 28.83
CA THR E 28 0.32 10.27 28.33
C THR E 28 -0.71 11.43 28.50
N CYS E 29 -0.22 12.62 28.80
CA CYS E 29 -1.07 13.73 29.13
C CYS E 29 -1.77 14.34 27.89
N GLN E 30 -1.33 13.95 26.68
CA GLN E 30 -1.96 14.34 25.41
C GLN E 30 -2.19 15.79 24.96
N LEU E 31 -1.71 16.74 25.74
CA LEU E 31 -1.89 18.15 25.51
C LEU E 31 -0.90 18.81 26.45
N ARG E 32 -0.02 19.63 25.92
CA ARG E 32 0.99 20.32 26.72
C ARG E 32 0.38 21.51 27.43
N LEU E 33 0.63 21.66 28.73
CA LEU E 33 0.10 22.78 29.47
C LEU E 33 0.47 24.13 28.82
N GLU E 34 1.72 24.23 28.40
CA GLU E 34 2.27 25.41 27.73
C GLU E 34 1.49 25.82 26.49
N ASP E 35 1.22 24.85 25.62
CA ASP E 35 0.33 25.02 24.46
C ASP E 35 -1.09 25.48 24.86
N LEU E 36 -1.69 24.83 25.86
CA LEU E 36 -3.04 25.19 26.29
C LEU E 36 -3.12 26.63 26.81
N LEU E 37 -2.13 27.04 27.59
CA LEU E 37 -2.08 28.40 28.14
C LEU E 37 -1.93 29.41 27.01
N ARG E 38 -1.07 29.10 26.04
CA ARG E 38 -0.78 30.00 24.95
C ARG E 38 -1.97 30.24 24.04
N GLN E 39 -2.89 29.28 24.01
CA GLN E 39 -4.03 29.35 23.11
C GLN E 39 -5.29 29.92 23.75
N ARG E 40 -5.17 30.45 24.97
CA ARG E 40 -6.30 31.13 25.60
C ARG E 40 -6.87 32.28 24.78
N SER E 41 -6.01 32.99 24.06
CA SER E 41 -6.42 34.14 23.27
C SER E 41 -7.04 33.74 21.91
N ASN E 42 -7.05 32.44 21.64
CA ASN E 42 -7.74 31.85 20.48
C ASN E 42 -9.15 31.41 20.85
N ILE E 43 -10.12 32.29 20.56
CA ILE E 43 -11.52 32.16 21.00
C ILE E 43 -12.49 32.14 19.81
N PHE E 44 -13.44 31.24 19.82
CA PHE E 44 -14.48 31.22 18.77
C PHE E 44 -15.18 32.60 18.57
N SER E 45 -15.26 33.00 17.31
CA SER E 45 -16.01 34.17 16.90
C SER E 45 -17.50 33.96 17.08
N ARG E 46 -18.28 35.01 17.06
CA ARG E 46 -19.73 34.96 17.05
C ARG E 46 -20.27 33.99 15.94
N GLU E 47 -19.74 34.14 14.73
CA GLU E 47 -20.19 33.34 13.59
C GLU E 47 -19.88 31.86 13.81
N GLU E 48 -18.72 31.61 14.42
CA GLU E 48 -18.27 30.25 14.70
C GLU E 48 -19.17 29.58 15.72
N VAL E 49 -19.49 30.33 16.77
CA VAL E 49 -20.43 29.89 17.79
C VAL E 49 -21.82 29.57 17.19
N THR E 50 -22.35 30.49 16.38
CA THR E 50 -23.60 30.23 15.68
C THR E 50 -23.56 28.92 14.88
N GLY E 51 -22.44 28.69 14.20
CA GLY E 51 -22.21 27.47 13.44
C GLY E 51 -22.37 26.22 14.27
N TYR E 52 -21.80 26.21 15.47
CA TYR E 52 -21.93 25.08 16.40
C TYR E 52 -23.38 24.95 16.88
N GLN E 53 -24.04 26.08 17.16
CA GLN E 53 -25.39 26.01 17.72
C GLN E 53 -26.42 25.51 16.67
N ARG E 54 -26.09 25.75 15.40
CA ARG E 54 -26.91 25.28 14.28
C ARG E 54 -26.63 23.82 13.87
N LYS E 55 -25.55 23.28 14.38
CA LYS E 55 -25.23 21.87 14.08
C LYS E 55 -26.30 20.93 14.57
N SER E 56 -26.50 19.83 13.83
CA SER E 56 -27.48 18.83 14.27
C SER E 56 -26.97 18.22 15.60
N MET E 57 -27.94 17.75 16.39
CA MET E 57 -27.61 16.97 17.56
C MET E 57 -26.67 15.79 17.23
N TRP E 58 -26.97 15.05 16.15
CA TRP E 58 -26.16 13.85 15.82
C TRP E 58 -24.73 14.25 15.51
N GLU E 59 -24.50 15.34 14.79
CA GLU E 59 -23.12 15.68 14.40
C GLU E 59 -22.32 16.11 15.66
N MET E 60 -22.95 16.91 16.51
CA MET E 60 -22.28 17.38 17.70
C MET E 60 -21.99 16.17 18.66
N TRP E 61 -22.97 15.27 18.81
CA TRP E 61 -22.75 14.04 19.61
C TRP E 61 -21.63 13.19 19.08
N GLU E 62 -21.60 13.00 17.79
CA GLU E 62 -20.57 12.11 17.21
C GLU E 62 -19.19 12.73 17.34
N ARG E 63 -19.11 14.07 17.17
CA ARG E 63 -17.82 14.74 17.36
C ARG E 63 -17.34 14.56 18.80
N CYS E 64 -18.23 14.82 19.76
CA CYS E 64 -17.84 14.74 21.15
C CYS E 64 -17.45 13.31 21.52
N ALA E 65 -18.18 12.32 20.99
CA ALA E 65 -17.91 10.89 21.29
C ALA E 65 -16.50 10.55 20.77
N HIS E 66 -16.18 11.05 19.57
CA HIS E 66 -14.83 10.80 19.02
C HIS E 66 -13.73 11.35 19.95
N HIS E 67 -13.89 12.63 20.32
CA HIS E 67 -12.89 13.30 21.19
C HIS E 67 -12.76 12.66 22.55
N LEU E 68 -13.89 12.30 23.15
CA LEU E 68 -13.88 11.58 24.45
C LEU E 68 -13.15 10.24 24.34
N THR E 69 -13.42 9.51 23.24
CA THR E 69 -12.77 8.24 23.01
C THR E 69 -11.21 8.37 22.93
N GLU E 70 -10.77 9.34 22.13
CA GLU E 70 -9.35 9.72 22.07
C GLU E 70 -8.73 9.98 23.45
N ALA E 71 -9.37 10.82 24.26
CA ALA E 71 -8.92 11.09 25.65
C ALA E 71 -8.89 9.84 26.48
N ILE E 72 -9.93 9.01 26.40
CA ILE E 72 -9.97 7.76 27.17
C ILE E 72 -8.80 6.85 26.76
N GLN E 73 -8.46 6.83 25.46
CA GLN E 73 -7.29 6.05 25.03
C GLN E 73 -5.97 6.45 25.74
N TYR E 74 -5.78 7.75 25.97
CA TYR E 74 -4.61 8.21 26.70
C TYR E 74 -4.64 7.77 28.15
N VAL E 75 -5.85 7.74 28.73
CA VAL E 75 -6.01 7.27 30.10
C VAL E 75 -5.69 5.77 30.22
N VAL E 76 -6.07 4.98 29.22
CA VAL E 76 -5.71 3.56 29.21
C VAL E 76 -4.19 3.45 29.18
N GLU E 77 -3.53 4.21 28.30
CA GLU E 77 -2.05 4.25 28.27
C GLU E 77 -1.41 4.65 29.63
N PHE E 78 -1.92 5.74 30.24
CA PHE E 78 -1.55 6.13 31.61
C PHE E 78 -1.63 4.89 32.55
N ALA E 79 -2.80 4.24 32.59
CA ALA E 79 -2.99 3.02 33.41
C ALA E 79 -1.93 1.94 33.13
N LYS E 80 -1.72 1.60 31.87
CA LYS E 80 -0.74 0.56 31.47
C LYS E 80 0.68 0.93 31.87
N ARG E 81 0.95 2.21 32.01
CA ARG E 81 2.25 2.68 32.40
C ARG E 81 2.37 2.95 33.87
N LEU E 82 1.30 2.77 34.58
CA LEU E 82 1.22 3.05 36.00
C LEU E 82 1.77 1.89 36.81
N SER E 83 2.70 2.18 37.72
CA SER E 83 3.40 1.10 38.43
C SER E 83 2.35 0.21 39.08
N GLY E 84 2.44 -1.08 38.81
CA GLY E 84 1.54 -2.07 39.42
C GLY E 84 0.18 -2.33 38.82
N PHE E 85 -0.25 -1.49 37.87
CA PHE E 85 -1.57 -1.67 37.26
C PHE E 85 -1.65 -2.92 36.38
N MET E 86 -0.65 -3.12 35.52
CA MET E 86 -0.60 -4.33 34.65
C MET E 86 -0.35 -5.62 35.41
N GLU E 87 -0.02 -5.51 36.70
CA GLU E 87 0.09 -6.68 37.59
C GLU E 87 -1.26 -7.16 38.08
N LEU E 88 -2.28 -6.29 38.01
CA LEU E 88 -3.64 -6.64 38.48
C LEU E 88 -4.25 -7.57 37.45
N CYS E 89 -5.29 -8.31 37.83
CA CYS E 89 -5.86 -9.29 36.94
C CYS E 89 -6.72 -8.58 35.90
N GLN E 90 -6.97 -9.24 34.77
CA GLN E 90 -7.73 -8.61 33.69
C GLN E 90 -9.08 -8.03 34.14
N ASN E 91 -9.81 -8.79 34.95
CA ASN E 91 -11.10 -8.34 35.46
C ASN E 91 -10.97 -7.01 36.21
N ASP E 92 -9.98 -6.93 37.09
CA ASP E 92 -9.79 -5.71 37.87
C ASP E 92 -9.35 -4.52 37.02
N GLN E 93 -8.47 -4.75 36.05
CA GLN E 93 -8.06 -3.70 35.12
C GLN E 93 -9.31 -3.13 34.41
N ILE E 94 -10.16 -4.01 33.90
CA ILE E 94 -11.42 -3.61 33.26
C ILE E 94 -12.37 -2.83 34.21
N VAL E 95 -12.59 -3.36 35.42
CA VAL E 95 -13.46 -2.71 36.40
C VAL E 95 -12.96 -1.29 36.73
N LEU E 96 -11.68 -1.12 36.96
CA LEU E 96 -11.10 0.20 37.31
C LEU E 96 -11.23 1.15 36.12
N LEU E 97 -10.90 0.69 34.92
CA LEU E 97 -11.03 1.55 33.72
C LEU E 97 -12.48 1.90 33.36
N LYS E 98 -13.38 0.93 33.46
CA LYS E 98 -14.78 1.20 33.14
C LYS E 98 -15.40 2.25 34.07
N ALA E 99 -15.06 2.20 35.36
CA ALA E 99 -15.55 3.16 36.34
C ALA E 99 -14.76 4.49 36.30
N GLY E 100 -13.48 4.41 36.01
CA GLY E 100 -12.54 5.50 36.29
C GLY E 100 -12.04 6.28 35.11
N ALA E 101 -12.06 5.69 33.92
CA ALA E 101 -11.46 6.39 32.73
C ALA E 101 -12.14 7.75 32.47
N MET E 102 -13.46 7.79 32.42
CA MET E 102 -14.21 9.05 32.28
C MET E 102 -13.97 10.07 33.41
N GLU E 103 -13.90 9.59 34.65
CA GLU E 103 -13.56 10.46 35.81
C GLU E 103 -12.20 11.11 35.62
N VAL E 104 -11.22 10.33 35.12
CA VAL E 104 -9.87 10.87 34.87
C VAL E 104 -9.90 11.94 33.77
N VAL E 105 -10.61 11.67 32.67
CA VAL E 105 -10.73 12.67 31.61
C VAL E 105 -11.33 13.98 32.17
N LEU E 106 -12.38 13.85 32.97
CA LEU E 106 -13.03 15.03 33.57
C LEU E 106 -12.07 15.83 34.43
N VAL E 107 -11.25 15.17 35.23
CA VAL E 107 -10.20 15.88 36.01
C VAL E 107 -9.16 16.55 35.05
N ARG E 108 -8.66 15.79 34.07
CA ARG E 108 -7.73 16.30 33.06
C ARG E 108 -8.27 17.57 32.34
N MET E 109 -9.58 17.61 32.20
CA MET E 109 -10.24 18.76 31.57
C MET E 109 -9.92 20.11 32.19
N CYS E 110 -9.64 20.19 33.49
CA CYS E 110 -9.41 21.50 34.12
C CYS E 110 -8.19 22.20 33.52
N ARG E 111 -7.25 21.45 32.89
CA ARG E 111 -6.12 22.05 32.20
C ARG E 111 -6.60 22.87 30.99
N ALA E 112 -7.70 22.42 30.38
CA ALA E 112 -8.20 22.94 29.13
C ALA E 112 -9.38 23.88 29.41
N TYR E 113 -9.49 24.30 30.67
CA TYR E 113 -10.47 25.24 31.15
C TYR E 113 -9.88 26.57 31.56
N ASN E 114 -10.51 27.66 31.16
CA ASN E 114 -10.02 29.03 31.57
C ASN E 114 -11.08 29.69 32.42
N ALA E 115 -10.82 29.78 33.72
CA ALA E 115 -11.81 30.34 34.67
C ALA E 115 -12.11 31.84 34.52
N ASP E 116 -11.20 32.60 33.93
CA ASP E 116 -11.32 34.07 33.76
C ASP E 116 -12.56 34.40 32.93
N ASN E 117 -12.69 33.68 31.83
CA ASN E 117 -13.76 33.92 30.86
C ASN E 117 -14.66 32.70 30.69
N ARG E 118 -14.44 31.68 31.53
CA ARG E 118 -15.30 30.47 31.55
C ARG E 118 -15.34 29.76 30.22
N THR E 119 -14.18 29.60 29.61
CA THR E 119 -14.14 28.85 28.30
C THR E 119 -13.45 27.50 28.46
N VAL E 120 -13.79 26.61 27.54
CA VAL E 120 -13.10 25.34 27.41
C VAL E 120 -12.48 25.22 26.01
N PHE E 121 -11.33 24.52 25.94
CA PHE E 121 -10.70 24.16 24.68
C PHE E 121 -11.45 23.04 23.95
N PHE E 122 -12.00 23.37 22.77
CA PHE E 122 -12.78 22.42 21.98
C PHE E 122 -12.55 22.62 20.48
N GLU E 123 -12.10 21.57 19.81
CA GLU E 123 -11.83 21.63 18.34
C GLU E 123 -10.95 22.83 17.96
N GLY E 124 -9.93 23.06 18.76
CA GLY E 124 -8.86 24.02 18.42
C GLY E 124 -8.96 25.43 18.98
N LYS E 125 -10.12 25.83 19.50
CA LYS E 125 -10.30 27.12 20.11
C LYS E 125 -11.08 27.03 21.44
N TYR E 126 -11.04 28.12 22.19
CA TYR E 126 -11.80 28.24 23.41
C TYR E 126 -13.22 28.73 23.09
N GLY E 127 -14.21 28.04 23.66
CA GLY E 127 -15.60 28.57 23.64
C GLY E 127 -16.27 28.40 25.01
N GLY E 128 -17.33 29.17 25.21
CA GLY E 128 -18.17 29.04 26.39
C GLY E 128 -19.14 27.89 26.30
N MET E 129 -19.92 27.69 27.34
CA MET E 129 -20.88 26.59 27.36
C MET E 129 -21.97 26.75 26.31
N GLU E 130 -22.23 28.02 25.92
CA GLU E 130 -23.21 28.30 24.87
C GLU E 130 -22.84 27.56 23.56
N LEU E 131 -21.55 27.25 23.39
CA LEU E 131 -21.10 26.57 22.15
C LEU E 131 -21.80 25.21 21.97
N PHE E 132 -22.19 24.57 23.09
CA PHE E 132 -22.65 23.18 23.12
C PHE E 132 -24.18 23.03 23.10
N ARG E 133 -24.87 24.13 22.76
CA ARG E 133 -26.31 24.14 22.79
C ARG E 133 -26.95 23.04 21.93
N ALA E 134 -26.35 22.75 20.77
CA ALA E 134 -26.98 21.75 19.88
C ALA E 134 -26.97 20.32 20.45
N LEU E 135 -26.11 20.06 21.43
CA LEU E 135 -26.13 18.73 22.08
C LEU E 135 -27.47 18.43 22.74
N GLY E 136 -28.19 19.46 23.18
CA GLY E 136 -29.46 19.23 23.89
C GLY E 136 -29.28 18.55 25.24
N CYS E 137 -28.19 18.85 25.92
CA CYS E 137 -27.97 18.34 27.30
C CYS E 137 -27.37 19.43 28.19
N SER E 138 -28.18 20.49 28.34
CA SER E 138 -27.78 21.72 29.00
C SER E 138 -27.28 21.52 30.46
N GLU E 139 -28.00 20.66 31.21
CA GLU E 139 -27.66 20.41 32.61
C GLU E 139 -26.28 19.73 32.71
N LEU E 140 -26.06 18.72 31.88
CA LEU E 140 -24.76 18.01 31.86
C LEU E 140 -23.61 18.96 31.51
N ILE E 141 -23.78 19.73 30.45
CA ILE E 141 -22.72 20.66 30.05
C ILE E 141 -22.40 21.64 31.19
N SER E 142 -23.42 22.27 31.76
CA SER E 142 -23.24 23.17 32.90
C SER E 142 -22.55 22.51 34.09
N SER E 143 -22.92 21.27 34.38
CA SER E 143 -22.27 20.50 35.44
C SER E 143 -20.79 20.22 35.14
N ILE E 144 -20.48 19.93 33.88
CA ILE E 144 -19.05 19.73 33.48
C ILE E 144 -18.26 21.01 33.68
N PHE E 145 -18.84 22.12 33.25
CA PHE E 145 -18.16 23.39 33.37
C PHE E 145 -17.99 23.75 34.84
N ASP E 146 -19.02 23.47 35.65
CA ASP E 146 -18.94 23.75 37.08
C ASP E 146 -17.81 22.95 37.72
N PHE E 147 -17.71 21.69 37.31
CA PHE E 147 -16.71 20.80 37.85
C PHE E 147 -15.31 21.36 37.54
N SER E 148 -15.07 21.70 36.26
CA SER E 148 -13.80 22.33 35.85
C SER E 148 -13.50 23.63 36.60
N HIS E 149 -14.53 24.46 36.77
CA HIS E 149 -14.34 25.71 37.51
C HIS E 149 -13.90 25.42 38.93
N SER E 150 -14.55 24.44 39.58
CA SER E 150 -14.14 24.06 40.94
C SER E 150 -12.71 23.50 41.04
N LEU E 151 -12.27 22.72 40.04
CA LEU E 151 -10.87 22.30 39.98
C LEU E 151 -9.88 23.42 39.69
N SER E 152 -10.24 24.31 38.75
CA SER E 152 -9.40 25.46 38.47
C SER E 152 -9.05 26.22 39.74
N ALA E 153 -9.96 26.20 40.72
CA ALA E 153 -9.77 26.98 41.92
C ALA E 153 -8.67 26.37 42.79
N LEU E 154 -8.40 25.07 42.59
CA LEU E 154 -7.38 24.37 43.36
C LEU E 154 -6.02 24.71 42.80
N HIS E 155 -5.99 25.21 41.57
CA HIS E 155 -4.76 25.44 40.80
C HIS E 155 -3.73 24.30 40.89
N PHE E 156 -4.13 23.11 40.45
CA PHE E 156 -3.24 21.96 40.43
C PHE E 156 -1.99 22.19 39.61
N SER E 157 -0.85 21.74 40.11
CA SER E 157 0.33 21.59 39.25
C SER E 157 0.18 20.31 38.43
N GLU E 158 1.02 20.17 37.41
CA GLU E 158 1.08 18.93 36.63
C GLU E 158 1.34 17.71 37.50
N ASP E 159 2.24 17.84 38.48
CA ASP E 159 2.56 16.72 39.35
C ASP E 159 1.36 16.31 40.20
N GLU E 160 0.64 17.31 40.69
CA GLU E 160 -0.54 17.10 41.51
C GLU E 160 -1.64 16.43 40.71
N ILE E 161 -1.85 16.85 39.47
CA ILE E 161 -2.90 16.21 38.72
C ILE E 161 -2.49 14.74 38.40
N ALA E 162 -1.20 14.51 38.19
CA ALA E 162 -0.73 13.15 37.92
C ALA E 162 -1.06 12.23 39.11
N LEU E 163 -0.65 12.65 40.30
CA LEU E 163 -0.88 11.88 41.52
C LEU E 163 -2.38 11.73 41.85
N TYR E 164 -3.12 12.83 41.72
CA TYR E 164 -4.58 12.80 41.98
C TYR E 164 -5.34 11.91 40.99
N THR E 165 -5.03 12.00 39.70
CA THR E 165 -5.72 11.14 38.72
C THR E 165 -5.37 9.66 38.88
N ALA E 166 -4.14 9.37 39.31
CA ALA E 166 -3.76 8.00 39.63
C ALA E 166 -4.72 7.46 40.69
N LEU E 167 -5.03 8.31 41.67
CA LEU E 167 -5.92 7.91 42.75
C LEU E 167 -7.39 7.80 42.34
N VAL E 168 -7.83 8.67 41.45
CA VAL E 168 -9.17 8.54 40.88
C VAL E 168 -9.32 7.15 40.22
N LEU E 169 -8.27 6.70 39.54
CA LEU E 169 -8.31 5.41 38.85
C LEU E 169 -8.16 4.24 39.82
N ILE E 170 -7.14 4.26 40.68
CA ILE E 170 -6.88 3.14 41.58
C ILE E 170 -7.79 3.31 42.80
N ASN E 171 -9.00 2.81 42.68
CA ASN E 171 -10.03 3.02 43.69
C ASN E 171 -10.51 1.63 44.11
N ALA E 172 -10.13 1.20 45.30
CA ALA E 172 -10.44 -0.16 45.79
C ALA E 172 -11.91 -0.37 46.14
N HIS E 173 -12.71 0.69 46.09
CA HIS E 173 -14.14 0.63 46.39
C HIS E 173 -15.03 0.41 45.19
N ARG E 174 -14.43 0.17 44.01
CA ARG E 174 -15.30 -0.18 42.86
C ARG E 174 -15.84 -1.60 43.05
N PRO E 175 -17.17 -1.76 42.91
CA PRO E 175 -17.83 -3.10 42.83
C PRO E 175 -17.23 -4.02 41.76
N GLY E 176 -17.09 -5.30 42.09
CA GLY E 176 -16.68 -6.35 41.15
C GLY E 176 -15.19 -6.61 41.06
N LEU E 177 -14.43 -6.04 42.00
CA LEU E 177 -12.98 -6.34 42.08
C LEU E 177 -12.75 -7.76 42.59
N GLN E 178 -11.75 -8.45 42.04
CA GLN E 178 -11.41 -9.84 42.42
C GLN E 178 -10.13 -10.00 43.26
N GLU E 179 -9.30 -8.95 43.25
CA GLU E 179 -8.10 -8.94 44.10
C GLU E 179 -8.12 -7.57 44.79
N LYS E 180 -9.18 -7.39 45.58
CA LYS E 180 -9.43 -6.14 46.28
C LYS E 180 -8.27 -5.76 47.19
N ARG E 181 -7.68 -6.75 47.87
CA ARG E 181 -6.55 -6.52 48.77
C ARG E 181 -5.37 -5.95 47.96
N LYS E 182 -5.19 -6.50 46.78
CA LYS E 182 -4.18 -6.07 45.90
C LYS E 182 -4.39 -4.64 45.42
N VAL E 183 -5.65 -4.26 45.17
CA VAL E 183 -5.96 -2.89 44.74
C VAL E 183 -5.90 -1.93 45.94
N GLU E 184 -6.35 -2.38 47.11
CA GLU E 184 -6.20 -1.62 48.35
C GLU E 184 -4.77 -1.20 48.61
N GLN E 185 -3.81 -2.12 48.41
CA GLN E 185 -2.41 -1.83 48.67
C GLN E 185 -1.85 -0.81 47.66
N LEU E 186 -2.23 -0.98 46.40
CA LEU E 186 -1.84 -0.02 45.39
C LEU E 186 -2.36 1.39 45.75
N GLN E 187 -3.64 1.47 46.08
CA GLN E 187 -4.26 2.73 46.49
C GLN E 187 -3.51 3.32 47.66
N TYR E 188 -3.24 2.50 48.67
CA TYR E 188 -2.57 3.04 49.86
C TYR E 188 -1.19 3.62 49.53
N ASN E 189 -0.40 2.89 48.74
CA ASN E 189 0.90 3.40 48.35
C ASN E 189 0.79 4.68 47.53
N LEU E 190 -0.22 4.76 46.67
CA LEU E 190 -0.48 5.99 45.92
C LEU E 190 -0.90 7.13 46.84
N GLU E 191 -1.65 6.84 47.91
CA GLU E 191 -2.00 7.88 48.93
C GLU E 191 -0.75 8.39 49.64
N LEU E 192 0.12 7.43 49.99
CA LEU E 192 1.41 7.80 50.58
C LEU E 192 2.22 8.75 49.69
N ALA E 193 2.32 8.39 48.40
CA ALA E 193 3.01 9.18 47.39
C ALA E 193 2.38 10.56 47.29
N PHE E 194 1.05 10.62 47.14
CA PHE E 194 0.30 11.91 47.04
C PHE E 194 0.59 12.75 48.26
N HIS E 195 0.46 12.15 49.44
CA HIS E 195 0.61 12.90 50.68
C HIS E 195 2.07 13.41 50.89
N HIS E 196 3.04 12.55 50.55
CA HIS E 196 4.46 12.88 50.64
C HIS E 196 4.70 14.11 49.76
N HIS E 197 4.25 14.01 48.52
CA HIS E 197 4.46 15.10 47.58
C HIS E 197 3.84 16.40 48.02
N LEU E 198 2.60 16.33 48.51
CA LEU E 198 1.92 17.52 48.99
C LEU E 198 2.59 18.11 50.22
N CYS E 199 3.02 17.26 51.15
CA CYS E 199 3.71 17.73 52.37
C CYS E 199 4.99 18.49 52.02
N LYS E 200 5.77 17.92 51.12
CA LYS E 200 7.05 18.48 50.68
C LYS E 200 6.86 19.86 50.04
N THR E 201 5.77 20.02 49.29
CA THR E 201 5.50 21.22 48.50
C THR E 201 4.55 22.20 49.23
N HIS E 202 4.31 21.94 50.50
CA HIS E 202 3.42 22.74 51.37
C HIS E 202 2.03 22.89 50.76
N ARG E 203 1.50 21.80 50.23
CA ARG E 203 0.21 21.83 49.55
C ARG E 203 -0.80 20.84 50.21
N GLN E 204 -0.52 20.38 51.41
CA GLN E 204 -1.44 19.42 52.03
C GLN E 204 -2.83 20.02 52.26
N SER E 205 -2.91 21.34 52.46
CA SER E 205 -4.18 22.05 52.64
C SER E 205 -5.20 21.81 51.52
N ILE E 206 -4.73 21.45 50.32
CA ILE E 206 -5.66 21.29 49.20
C ILE E 206 -6.53 20.02 49.36
N LEU E 207 -6.04 19.05 50.13
CA LEU E 207 -6.73 17.74 50.23
C LEU E 207 -8.17 17.89 50.72
N ALA E 208 -8.31 18.73 51.74
CA ALA E 208 -9.62 19.03 52.34
C ALA E 208 -10.55 19.75 51.38
N LYS E 209 -10.01 20.21 50.26
CA LYS E 209 -10.76 21.05 49.32
C LYS E 209 -11.12 20.32 48.04
N LEU E 210 -10.73 19.05 47.92
CA LEU E 210 -11.00 18.28 46.72
C LEU E 210 -12.48 18.06 46.53
N PRO E 211 -12.96 17.96 45.31
CA PRO E 211 -14.37 17.77 45.12
C PRO E 211 -14.89 16.51 45.69
N PRO E 212 -16.07 16.59 46.29
CA PRO E 212 -16.76 15.46 46.90
C PRO E 212 -16.48 14.23 46.15
N LYS E 213 -17.42 13.32 45.92
CA LYS E 213 -17.14 12.14 45.18
C LYS E 213 -18.47 11.76 44.60
N GLY E 214 -18.84 12.52 43.60
CA GLY E 214 -20.16 12.42 43.00
C GLY E 214 -20.87 13.68 43.30
N LYS E 215 -20.21 14.81 43.15
CA LYS E 215 -19.62 15.30 41.89
C LYS E 215 -19.14 14.60 40.60
N LEU E 216 -18.26 13.63 40.76
CA LEU E 216 -17.81 12.80 39.61
C LEU E 216 -18.86 11.75 39.22
N ARG E 217 -19.45 11.12 40.21
CA ARG E 217 -20.51 10.15 40.05
C ARG E 217 -21.71 10.67 39.29
N SER E 218 -22.18 11.80 39.72
CA SER E 218 -23.29 12.48 39.05
C SER E 218 -23.00 12.84 37.59
N LEU E 219 -21.82 13.31 37.32
CA LEU E 219 -21.41 13.67 36.00
C LEU E 219 -21.37 12.48 35.06
N CYS E 220 -20.93 11.35 35.55
CA CYS E 220 -20.91 10.11 34.76
C CYS E 220 -22.32 9.57 34.59
N SER E 221 -23.13 9.69 35.65
CA SER E 221 -24.51 9.22 35.57
C SER E 221 -25.28 10.05 34.55
N GLN E 222 -25.07 11.37 34.60
CA GLN E 222 -25.75 12.22 33.64
C GLN E 222 -25.34 11.90 32.19
N HIS E 223 -24.05 11.66 31.96
CA HIS E 223 -23.54 11.26 30.63
C HIS E 223 -24.29 10.06 30.13
N VAL E 224 -24.34 9.01 30.94
CA VAL E 224 -25.10 7.80 30.57
C VAL E 224 -26.59 8.10 30.22
N GLU E 225 -27.27 8.92 31.04
CA GLU E 225 -28.67 9.28 30.79
C GLU E 225 -28.87 10.07 29.50
N ARG E 226 -28.02 11.07 29.27
CA ARG E 226 -28.12 11.83 28.03
C ARG E 226 -27.80 10.99 26.81
N LEU E 227 -26.88 10.03 26.96
CA LEU E 227 -26.56 9.15 25.82
C LEU E 227 -27.75 8.28 25.48
N GLN E 228 -28.41 7.73 26.50
CA GLN E 228 -29.63 6.96 26.29
C GLN E 228 -30.67 7.79 25.52
N ILE E 229 -30.82 9.08 25.86
CA ILE E 229 -31.78 9.92 25.17
C ILE E 229 -31.36 10.08 23.68
N PHE E 230 -30.08 10.37 23.49
CA PHE E 230 -29.57 10.56 22.15
C PHE E 230 -29.74 9.28 21.31
N GLN E 231 -29.40 8.14 21.91
CA GLN E 231 -29.43 6.86 21.22
C GLN E 231 -30.85 6.52 20.77
N HIS E 232 -31.84 6.84 21.62
CA HIS E 232 -33.25 6.71 21.21
C HIS E 232 -33.67 7.70 20.09
N LEU E 233 -33.06 8.87 20.06
CA LEU E 233 -33.33 9.82 18.96
C LEU E 233 -32.64 9.44 17.66
N HIS E 234 -31.44 8.88 17.76
CA HIS E 234 -30.57 8.57 16.62
C HIS E 234 -29.89 7.20 16.76
N PRO E 235 -30.66 6.09 16.77
CA PRO E 235 -30.06 4.79 17.09
C PRO E 235 -29.05 4.30 16.00
N ILE E 236 -29.36 4.56 14.75
CA ILE E 236 -28.48 4.15 13.68
C ILE E 236 -27.09 4.83 13.75
N VAL E 237 -27.08 6.12 14.08
CA VAL E 237 -25.80 6.90 14.18
C VAL E 237 -24.84 6.31 15.18
N VAL E 238 -25.32 5.89 16.35
CA VAL E 238 -24.44 5.28 17.35
C VAL E 238 -23.83 4.00 16.81
N GLN E 239 -24.60 3.08 16.28
CA GLN E 239 -24.03 1.84 15.80
C GLN E 239 -23.14 2.09 14.56
N ALA E 240 -23.46 3.11 13.76
CA ALA E 240 -22.69 3.34 12.54
C ALA E 240 -21.40 4.14 12.74
N ALA E 241 -21.45 5.15 13.60
CA ALA E 241 -20.45 6.21 13.58
C ALA E 241 -19.66 6.38 14.87
N PHE E 242 -20.24 6.03 16.02
CA PHE E 242 -19.54 6.13 17.32
C PHE E 242 -18.40 5.08 17.45
N PRO E 243 -17.31 5.41 18.20
CA PRO E 243 -16.31 4.40 18.46
C PRO E 243 -16.89 3.28 19.25
N PRO E 244 -16.60 2.02 18.83
CA PRO E 244 -17.02 0.82 19.60
C PRO E 244 -16.67 0.87 21.07
N LEU E 245 -15.48 1.32 21.43
CA LEU E 245 -15.11 1.47 22.84
C LEU E 245 -16.13 2.36 23.61
N TYR E 246 -16.48 3.49 23.00
CA TYR E 246 -17.42 4.43 23.60
C TYR E 246 -18.78 3.75 23.86
N LYS E 247 -19.30 3.06 22.85
CA LYS E 247 -20.51 2.26 22.98
C LYS E 247 -20.41 1.26 24.14
N GLU E 248 -19.30 0.53 24.18
CA GLU E 248 -19.07 -0.49 25.21
C GLU E 248 -19.07 0.10 26.61
N LEU E 249 -18.39 1.24 26.77
CA LEU E 249 -18.31 1.87 28.08
C LEU E 249 -19.61 2.55 28.54
N PHE E 250 -20.39 3.07 27.62
CA PHE E 250 -21.47 4.01 28.01
C PHE E 250 -22.87 3.63 27.56
N SER E 251 -22.99 2.58 26.75
CA SER E 251 -24.32 2.20 26.18
C SER E 251 -24.76 0.83 26.69
N GLU F 1 -18.83 -8.69 29.40
CA GLU F 1 -17.47 -8.85 29.00
C GLU F 1 -17.18 -7.64 28.25
N PHE F 2 -15.94 -7.19 28.32
CA PHE F 2 -15.57 -5.96 27.65
C PHE F 2 -14.50 -6.15 26.64
N PRO F 3 -14.87 -6.73 25.54
CA PRO F 3 -13.82 -6.98 24.56
C PRO F 3 -12.99 -5.89 23.97
N TYR F 4 -13.56 -4.77 23.60
CA TYR F 4 -12.80 -3.73 22.98
C TYR F 4 -11.83 -3.07 23.94
N LEU F 5 -12.24 -2.89 25.17
CA LEU F 5 -11.42 -2.31 26.18
C LEU F 5 -10.32 -3.27 26.52
N LEU F 6 -10.63 -4.53 26.46
CA LEU F 6 -9.68 -5.56 26.75
C LEU F 6 -8.61 -5.60 25.68
N SER F 7 -8.99 -5.37 24.44
CA SER F 7 -8.04 -5.37 23.35
C SER F 7 -6.93 -4.35 23.51
N LEU F 8 -7.22 -3.24 24.12
CA LEU F 8 -6.28 -2.15 24.34
C LEU F 8 -5.32 -2.42 25.49
N LEU F 9 -5.66 -3.37 26.36
CA LEU F 9 -4.78 -3.86 27.45
C LEU F 9 -3.85 -4.99 26.97
N GLY F 10 -4.22 -5.67 25.89
CA GLY F 10 -3.30 -6.56 25.17
C GLY F 10 -2.38 -5.78 24.24
N PRO G 7 -40.16 19.25 -29.11
CA PRO G 7 -38.74 19.71 -29.01
C PRO G 7 -38.50 20.40 -27.68
N TYR G 8 -39.35 21.39 -27.40
CA TYR G 8 -39.21 22.15 -26.14
C TYR G 8 -39.16 21.25 -24.87
N ALA G 9 -40.07 20.31 -24.76
CA ALA G 9 -40.27 19.61 -23.52
C ALA G 9 -39.08 18.93 -22.97
N SER G 10 -38.34 18.20 -23.81
CA SER G 10 -37.14 17.47 -23.34
C SER G 10 -36.05 18.39 -22.64
N LEU G 11 -35.80 19.52 -23.30
CA LEU G 11 -34.95 20.55 -22.74
C LEU G 11 -35.47 21.03 -21.37
N THR G 12 -36.78 21.18 -21.24
CA THR G 12 -37.37 21.56 -19.93
C THR G 12 -37.06 20.50 -18.85
N GLU G 13 -37.26 19.22 -19.17
CA GLU G 13 -36.94 18.15 -18.21
C GLU G 13 -35.44 18.16 -17.83
N ILE G 14 -34.56 18.40 -18.80
CA ILE G 14 -33.12 18.46 -18.52
C ILE G 14 -32.78 19.64 -17.60
N GLU G 15 -33.37 20.80 -17.93
CA GLU G 15 -33.19 22.01 -17.10
C GLU G 15 -33.70 21.76 -15.71
N HIS G 16 -34.86 21.10 -15.52
CA HIS G 16 -35.33 20.79 -14.19
C HIS G 16 -34.35 19.89 -13.39
N LEU G 17 -33.76 18.91 -14.08
CA LEU G 17 -32.77 18.02 -13.46
C LEU G 17 -31.51 18.78 -12.96
N VAL G 18 -31.06 19.75 -13.75
CA VAL G 18 -29.93 20.60 -13.34
C VAL G 18 -30.27 21.29 -12.00
N GLN G 19 -31.44 21.92 -11.95
CA GLN G 19 -31.93 22.59 -10.75
C GLN G 19 -32.06 21.63 -9.57
N SER G 20 -32.61 20.45 -9.81
CA SER G 20 -32.81 19.43 -8.78
C SER G 20 -31.47 19.01 -8.17
N VAL G 21 -30.51 18.68 -9.05
CA VAL G 21 -29.18 18.23 -8.61
C VAL G 21 -28.46 19.32 -7.79
N CYS G 22 -28.54 20.55 -8.31
CA CYS G 22 -27.91 21.67 -7.63
C CYS G 22 -28.49 21.88 -6.25
N LYS G 23 -29.80 21.72 -6.11
CA LYS G 23 -30.48 21.87 -4.82
C LYS G 23 -30.08 20.76 -3.85
N SER G 24 -30.08 19.52 -4.32
CA SER G 24 -29.67 18.37 -3.52
C SER G 24 -28.27 18.57 -2.95
N TYR G 25 -27.38 19.06 -3.80
CA TYR G 25 -26.03 19.39 -3.36
C TYR G 25 -26.04 20.52 -2.29
N ARG G 26 -26.76 21.61 -2.59
CA ARG G 26 -26.83 22.79 -1.70
C ARG G 26 -27.24 22.40 -0.28
N GLU G 27 -28.22 21.51 -0.22
CA GLU G 27 -28.81 21.01 1.03
C GLU G 27 -27.93 20.07 1.82
N THR G 28 -26.86 19.55 1.20
CA THR G 28 -26.02 18.49 1.82
C THR G 28 -24.50 18.79 1.72
N CYS G 29 -24.17 20.05 1.39
CA CYS G 29 -22.78 20.38 1.08
C CYS G 29 -21.88 20.44 2.32
N GLN G 30 -22.44 20.32 3.51
CA GLN G 30 -21.69 20.24 4.74
C GLN G 30 -20.63 21.19 5.23
N LEU G 31 -20.36 22.19 4.44
CA LEU G 31 -19.43 23.25 4.78
C LEU G 31 -19.81 24.27 3.72
N ARG G 32 -20.13 25.48 4.16
CA ARG G 32 -20.52 26.54 3.22
C ARG G 32 -19.28 27.15 2.60
N LEU G 33 -19.32 27.36 1.29
CA LEU G 33 -18.22 28.00 0.60
C LEU G 33 -17.86 29.36 1.23
N GLU G 34 -18.88 30.12 1.59
CA GLU G 34 -18.72 31.44 2.22
C GLU G 34 -17.92 31.39 3.52
N ASP G 35 -18.26 30.45 4.38
CA ASP G 35 -17.49 30.15 5.60
C ASP G 35 -16.02 29.75 5.30
N LEU G 36 -15.82 28.86 4.33
CA LEU G 36 -14.47 28.42 3.99
C LEU G 36 -13.59 29.58 3.48
N LEU G 37 -14.17 30.44 2.64
CA LEU G 37 -13.45 31.59 2.10
C LEU G 37 -13.10 32.56 3.23
N ARG G 38 -14.03 32.78 4.13
CA ARG G 38 -13.86 33.73 5.23
C ARG G 38 -12.77 33.33 6.19
N GLN G 39 -12.50 32.02 6.27
CA GLN G 39 -11.54 31.48 7.22
C GLN G 39 -10.12 31.32 6.65
N ARG G 40 -9.91 31.78 5.44
CA ARG G 40 -8.59 31.61 4.80
C ARG G 40 -7.47 32.29 5.59
N SER G 41 -7.77 33.41 6.22
CA SER G 41 -6.77 34.16 6.96
C SER G 41 -6.49 33.57 8.37
N ASN G 42 -7.27 32.55 8.71
CA ASN G 42 -7.11 31.81 9.97
C ASN G 42 -6.27 30.53 9.70
N ILE G 43 -4.97 30.67 10.03
CA ILE G 43 -3.91 29.73 9.66
C ILE G 43 -3.15 29.22 10.89
N PHE G 44 -2.95 27.90 10.97
CA PHE G 44 -2.17 27.34 12.09
C PHE G 44 -0.79 28.02 12.30
N SER G 45 -0.54 28.40 13.55
CA SER G 45 0.76 28.92 13.96
C SER G 45 1.80 27.82 13.95
N ARG G 46 3.06 28.20 13.97
CA ARG G 46 4.17 27.25 14.03
C ARG G 46 4.02 26.27 15.21
N GLU G 47 3.68 26.79 16.40
CA GLU G 47 3.56 25.94 17.60
C GLU G 47 2.41 24.93 17.42
N GLU G 48 1.34 25.39 16.76
CA GLU G 48 0.17 24.53 16.53
C GLU G 48 0.51 23.40 15.59
N VAL G 49 1.22 23.75 14.52
CA VAL G 49 1.74 22.77 13.57
C VAL G 49 2.64 21.73 14.26
N THR G 50 3.62 22.19 15.04
CA THR G 50 4.45 21.30 15.82
C THR G 50 3.61 20.31 16.67
N GLY G 51 2.55 20.84 17.29
CA GLY G 51 1.63 20.05 18.09
C GLY G 51 1.03 18.89 17.30
N TYR G 52 0.59 19.15 16.07
CA TYR G 52 0.07 18.11 15.19
C TYR G 52 1.16 17.12 14.78
N GLN G 53 2.36 17.61 14.51
CA GLN G 53 3.44 16.74 14.02
C GLN G 53 3.93 15.79 15.14
N ARG G 54 3.76 16.23 16.39
CA ARG G 54 4.11 15.42 17.56
C ARG G 54 3.01 14.42 17.98
N LYS G 55 1.84 14.57 17.39
CA LYS G 55 0.78 13.56 17.65
C LYS G 55 1.17 12.16 17.25
N SER G 56 0.66 11.18 17.99
CA SER G 56 0.92 9.78 17.59
C SER G 56 0.27 9.51 16.23
N MET G 57 0.84 8.55 15.52
CA MET G 57 0.23 8.00 14.32
C MET G 57 -1.24 7.61 14.55
N TRP G 58 -1.50 6.87 15.65
CA TRP G 58 -2.87 6.36 15.90
C TRP G 58 -3.81 7.51 16.11
N GLU G 59 -3.42 8.55 16.85
CA GLU G 59 -4.37 9.65 17.14
C GLU G 59 -4.69 10.42 15.86
N MET G 60 -3.67 10.68 15.04
CA MET G 60 -3.89 11.42 13.81
C MET G 60 -4.77 10.59 12.83
N TRP G 61 -4.48 9.28 12.74
CA TRP G 61 -5.33 8.37 11.91
C TRP G 61 -6.78 8.36 12.37
N GLU G 62 -6.97 8.26 13.66
CA GLU G 62 -8.34 8.15 14.16
C GLU G 62 -9.09 9.46 14.01
N ARG G 63 -8.39 10.58 14.17
CA ARG G 63 -9.02 11.90 13.93
C ARG G 63 -9.46 12.01 12.48
N CYS G 64 -8.56 11.67 11.56
CA CYS G 64 -8.87 11.81 10.15
C CYS G 64 -10.01 10.88 9.76
N ALA G 65 -10.03 9.65 10.32
CA ALA G 65 -11.07 8.66 10.00
C ALA G 65 -12.42 9.21 10.49
N HIS G 66 -12.42 9.84 11.67
CA HIS G 66 -13.69 10.44 12.17
C HIS G 66 -14.21 11.51 11.21
N HIS G 67 -13.32 12.45 10.84
CA HIS G 67 -13.72 13.57 9.93
C HIS G 67 -14.17 13.07 8.56
N LEU G 68 -13.44 12.10 8.01
CA LEU G 68 -13.84 11.49 6.72
C LEU G 68 -15.21 10.82 6.82
N THR G 69 -15.44 10.10 7.92
CA THR G 69 -16.72 9.44 8.16
C THR G 69 -17.91 10.45 8.18
N GLU G 70 -17.73 11.54 8.94
CA GLU G 70 -18.68 12.66 8.93
C GLU G 70 -19.00 13.18 7.52
N ALA G 71 -17.97 13.45 6.73
CA ALA G 71 -18.12 13.86 5.29
C ALA G 71 -18.85 12.83 4.50
N ILE G 72 -18.48 11.56 4.66
CA ILE G 72 -19.16 10.48 3.92
C ILE G 72 -20.63 10.41 4.29
N GLN G 73 -20.97 10.66 5.56
CA GLN G 73 -22.39 10.73 5.93
C GLN G 73 -23.21 11.78 5.13
N TYR G 74 -22.60 12.93 4.86
CA TYR G 74 -23.25 13.94 4.06
C TYR G 74 -23.40 13.49 2.62
N VAL G 75 -22.42 12.75 2.11
CA VAL G 75 -22.49 12.21 0.76
C VAL G 75 -23.60 11.17 0.64
N VAL G 76 -23.82 10.36 1.67
CA VAL G 76 -24.94 9.41 1.67
C VAL G 76 -26.25 10.23 1.58
N GLU G 77 -26.38 11.25 2.39
CA GLU G 77 -27.54 12.17 2.32
C GLU G 77 -27.75 12.81 0.91
N PHE G 78 -26.67 13.36 0.35
CA PHE G 78 -26.63 13.82 -1.05
C PHE G 78 -27.23 12.75 -1.99
N ALA G 79 -26.68 11.53 -1.94
CA ALA G 79 -27.20 10.40 -2.76
C ALA G 79 -28.70 10.17 -2.58
N LYS G 80 -29.17 10.07 -1.32
CA LYS G 80 -30.58 9.84 -1.02
C LYS G 80 -31.48 10.97 -1.53
N ARG G 81 -30.93 12.18 -1.62
CA ARG G 81 -31.69 13.33 -2.13
C ARG G 81 -31.53 13.55 -3.63
N LEU G 82 -30.68 12.72 -4.26
CA LEU G 82 -30.31 12.89 -5.65
C LEU G 82 -31.35 12.29 -6.56
N SER G 83 -31.81 13.08 -7.54
CA SER G 83 -32.88 12.65 -8.43
C SER G 83 -32.54 11.28 -8.99
N GLY G 84 -33.44 10.32 -8.80
CA GLY G 84 -33.26 8.99 -9.38
C GLY G 84 -32.45 7.95 -8.65
N PHE G 85 -31.71 8.37 -7.62
CA PHE G 85 -30.93 7.42 -6.82
C PHE G 85 -31.80 6.47 -6.01
N MET G 86 -32.83 6.99 -5.33
CA MET G 86 -33.75 6.14 -4.55
C MET G 86 -34.64 5.22 -5.42
N GLU G 87 -34.61 5.43 -6.72
CA GLU G 87 -35.27 4.53 -7.69
C GLU G 87 -34.43 3.28 -7.96
N LEU G 88 -33.13 3.35 -7.68
CA LEU G 88 -32.23 2.20 -7.92
C LEU G 88 -32.49 1.17 -6.85
N CYS G 89 -32.11 -0.08 -7.07
CA CYS G 89 -32.33 -1.12 -6.08
C CYS G 89 -31.34 -0.94 -4.95
N GLN G 90 -31.64 -1.49 -3.78
CA GLN G 90 -30.75 -1.39 -2.63
C GLN G 90 -29.29 -1.80 -2.92
N ASN G 91 -29.14 -2.93 -3.62
CA ASN G 91 -27.81 -3.42 -3.98
C ASN G 91 -27.01 -2.38 -4.77
N ASP G 92 -27.66 -1.79 -5.76
CA ASP G 92 -27.00 -0.80 -6.60
C ASP G 92 -26.66 0.49 -5.85
N GLN G 93 -27.57 0.95 -5.00
CA GLN G 93 -27.29 2.11 -4.13
C GLN G 93 -26.03 1.84 -3.30
N ILE G 94 -25.96 0.68 -2.67
CA ILE G 94 -24.78 0.29 -1.88
C ILE G 94 -23.48 0.24 -2.72
N VAL G 95 -23.53 -0.43 -3.88
CA VAL G 95 -22.38 -0.56 -4.77
C VAL G 95 -21.84 0.84 -5.18
N LEU G 96 -22.75 1.73 -5.58
CA LEU G 96 -22.35 3.08 -6.04
C LEU G 96 -21.77 3.89 -4.88
N LEU G 97 -22.42 3.85 -3.72
CA LEU G 97 -21.89 4.57 -2.53
C LEU G 97 -20.59 4.02 -1.99
N LYS G 98 -20.45 2.69 -1.94
CA LYS G 98 -19.21 2.09 -1.45
C LYS G 98 -17.99 2.49 -2.31
N ALA G 99 -18.17 2.52 -3.63
CA ALA G 99 -17.11 2.91 -4.55
C ALA G 99 -16.94 4.43 -4.65
N GLY G 100 -18.05 5.18 -4.52
CA GLY G 100 -18.12 6.57 -4.94
C GLY G 100 -18.11 7.60 -3.83
N ALA G 101 -18.50 7.22 -2.61
CA ALA G 101 -18.50 8.17 -1.48
C ALA G 101 -17.13 8.85 -1.26
N MET G 102 -16.06 8.07 -1.18
CA MET G 102 -14.71 8.64 -1.04
C MET G 102 -14.29 9.54 -2.24
N GLU G 103 -14.63 9.12 -3.46
CA GLU G 103 -14.37 9.93 -4.66
C GLU G 103 -15.05 11.31 -4.53
N VAL G 104 -16.30 11.30 -4.05
CA VAL G 104 -17.04 12.56 -3.87
C VAL G 104 -16.38 13.45 -2.80
N VAL G 105 -15.99 12.87 -1.68
CA VAL G 105 -15.28 13.65 -0.65
C VAL G 105 -14.01 14.30 -1.23
N LEU G 106 -13.25 13.52 -2.00
CA LEU G 106 -12.02 14.04 -2.62
C LEU G 106 -12.30 15.23 -3.53
N VAL G 107 -13.35 15.15 -4.34
CA VAL G 107 -13.74 16.32 -5.15
C VAL G 107 -14.19 17.52 -4.26
N ARG G 108 -15.06 17.26 -3.28
CA ARG G 108 -15.52 18.27 -2.32
C ARG G 108 -14.35 18.99 -1.60
N MET G 109 -13.27 18.26 -1.42
CA MET G 109 -12.08 18.83 -0.79
C MET G 109 -11.52 20.08 -1.46
N CYS G 110 -11.67 20.21 -2.77
CA CYS G 110 -11.05 21.38 -3.46
C CYS G 110 -11.67 22.70 -2.97
N ARG G 111 -12.89 22.67 -2.43
CA ARG G 111 -13.51 23.86 -1.85
C ARG G 111 -12.75 24.32 -0.62
N ALA G 112 -12.15 23.36 0.09
CA ALA G 112 -11.52 23.60 1.38
C ALA G 112 -10.01 23.68 1.20
N TYR G 113 -9.59 23.84 -0.05
CA TYR G 113 -8.21 24.00 -0.45
C TYR G 113 -7.91 25.40 -0.97
N ASN G 114 -6.79 25.96 -0.53
CA ASN G 114 -6.39 27.34 -0.96
C ASN G 114 -5.10 27.26 -1.72
N ALA G 115 -5.18 27.42 -3.04
CA ALA G 115 -3.97 27.36 -3.91
C ALA G 115 -2.91 28.46 -3.69
N ASP G 116 -3.31 29.60 -3.13
CA ASP G 116 -2.42 30.76 -2.90
C ASP G 116 -1.26 30.37 -1.98
N ASN G 117 -1.61 29.69 -0.90
CA ASN G 117 -0.66 29.33 0.15
C ASN G 117 -0.60 27.82 0.33
N ARG G 118 -1.28 27.07 -0.55
CA ARG G 118 -1.25 25.59 -0.52
C ARG G 118 -1.71 25.02 0.82
N THR G 119 -2.81 25.56 1.33
CA THR G 119 -3.34 25.04 2.63
C THR G 119 -4.67 24.30 2.43
N VAL G 120 -4.97 23.46 3.40
CA VAL G 120 -6.30 22.88 3.51
C VAL G 120 -6.95 23.25 4.84
N PHE G 121 -8.27 23.42 4.83
CA PHE G 121 -9.08 23.59 6.04
C PHE G 121 -9.22 22.29 6.84
N PHE G 122 -8.64 22.27 8.05
CA PHE G 122 -8.61 21.07 8.88
C PHE G 122 -8.74 21.43 10.36
N GLU G 123 -9.76 20.88 11.02
CA GLU G 123 -10.00 21.15 12.45
C GLU G 123 -9.97 22.64 12.82
N GLY G 124 -10.62 23.42 11.97
CA GLY G 124 -10.89 24.84 12.26
C GLY G 124 -9.93 25.89 11.71
N LYS G 125 -8.76 25.49 11.23
CA LYS G 125 -7.84 26.40 10.57
C LYS G 125 -7.25 25.81 9.29
N TYR G 126 -6.62 26.68 8.52
CA TYR G 126 -5.89 26.25 7.33
C TYR G 126 -4.48 25.85 7.73
N GLY G 127 -4.03 24.70 7.25
CA GLY G 127 -2.59 24.31 7.37
C GLY G 127 -2.08 23.66 6.10
N GLY G 128 -0.76 23.65 5.96
CA GLY G 128 -0.10 22.99 4.84
C GLY G 128 0.06 21.50 5.11
N MET G 129 0.72 20.83 4.16
CA MET G 129 0.92 19.40 4.21
C MET G 129 1.69 18.94 5.40
N GLU G 130 2.57 19.84 5.89
CA GLU G 130 3.39 19.53 7.07
C GLU G 130 2.49 19.18 8.29
N LEU G 131 1.22 19.63 8.28
CA LEU G 131 0.31 19.34 9.39
C LEU G 131 0.12 17.82 9.59
N PHE G 132 0.23 17.07 8.49
CA PHE G 132 -0.14 15.64 8.43
C PHE G 132 1.02 14.66 8.61
N ARG G 133 2.16 15.22 9.05
CA ARG G 133 3.39 14.44 9.07
C ARG G 133 3.29 13.19 9.93
N ALA G 134 2.59 13.27 11.05
CA ALA G 134 2.49 12.11 11.97
C ALA G 134 1.75 10.92 11.37
N LEU G 135 0.94 11.14 10.33
CA LEU G 135 0.27 10.02 9.67
C LEU G 135 1.26 9.00 9.09
N GLY G 136 2.45 9.48 8.70
CA GLY G 136 3.43 8.55 8.12
C GLY G 136 3.01 8.03 6.74
N CYS G 137 2.30 8.86 5.98
CA CYS G 137 2.01 8.61 4.55
C CYS G 137 2.16 9.88 3.74
N SER G 138 3.41 10.35 3.72
CA SER G 138 3.72 11.64 3.05
C SER G 138 3.43 11.62 1.55
N GLU G 139 3.63 10.51 0.85
CA GLU G 139 3.34 10.42 -0.57
C GLU G 139 1.84 10.62 -0.83
N LEU G 140 1.01 9.91 -0.07
CA LEU G 140 -0.47 10.04 -0.19
C LEU G 140 -0.93 11.47 0.09
N ILE G 141 -0.45 12.05 1.19
CA ILE G 141 -0.84 13.43 1.50
C ILE G 141 -0.47 14.40 0.37
N SER G 142 0.76 14.33 -0.10
CA SER G 142 1.21 15.14 -1.24
C SER G 142 0.37 14.93 -2.50
N SER G 143 0.01 13.68 -2.77
CA SER G 143 -0.89 13.36 -3.88
C SER G 143 -2.28 13.96 -3.71
N ILE G 144 -2.80 13.95 -2.49
CA ILE G 144 -4.13 14.57 -2.20
C ILE G 144 -4.04 16.08 -2.44
N PHE G 145 -2.98 16.69 -1.97
CA PHE G 145 -2.82 18.13 -2.15
C PHE G 145 -2.66 18.45 -3.62
N ASP G 146 -1.92 17.61 -4.35
CA ASP G 146 -1.74 17.80 -5.79
C ASP G 146 -3.09 17.73 -6.51
N PHE G 147 -3.91 16.79 -6.09
CA PHE G 147 -5.20 16.59 -6.68
C PHE G 147 -6.06 17.84 -6.49
N SER G 148 -6.14 18.33 -5.24
CA SER G 148 -6.83 19.59 -4.92
C SER G 148 -6.30 20.79 -5.74
N HIS G 149 -4.97 20.88 -5.85
CA HIS G 149 -4.37 21.95 -6.63
C HIS G 149 -4.84 21.88 -8.08
N SER G 150 -4.84 20.68 -8.65
CA SER G 150 -5.34 20.48 -10.03
C SER G 150 -6.82 20.85 -10.21
N LEU G 151 -7.67 20.53 -9.23
CA LEU G 151 -9.07 21.00 -9.26
C LEU G 151 -9.22 22.50 -9.07
N SER G 152 -8.47 23.08 -8.14
CA SER G 152 -8.48 24.53 -7.94
C SER G 152 -8.27 25.26 -9.28
N ALA G 153 -7.50 24.66 -10.17
CA ALA G 153 -7.15 25.32 -11.42
C ALA G 153 -8.36 25.37 -12.35
N LEU G 154 -9.34 24.50 -12.12
CA LEU G 154 -10.56 24.47 -12.92
C LEU G 154 -11.49 25.57 -12.50
N HIS G 155 -11.25 26.10 -11.29
CA HIS G 155 -12.06 27.19 -10.73
C HIS G 155 -13.60 26.89 -10.81
N PHE G 156 -14.02 25.77 -10.22
CA PHE G 156 -15.36 25.36 -10.20
C PHE G 156 -16.30 26.39 -9.56
N SER G 157 -17.55 26.27 -9.93
CA SER G 157 -18.64 26.93 -9.20
C SER G 157 -19.40 25.86 -8.39
N GLU G 158 -20.23 26.31 -7.45
CA GLU G 158 -21.06 25.39 -6.66
C GLU G 158 -21.93 24.51 -7.52
N ASP G 159 -22.53 25.08 -8.56
CA ASP G 159 -23.40 24.30 -9.43
C ASP G 159 -22.63 23.22 -10.18
N GLU G 160 -21.43 23.58 -10.63
CA GLU G 160 -20.57 22.66 -11.37
C GLU G 160 -20.13 21.53 -10.48
N ILE G 161 -19.77 21.81 -9.23
CA ILE G 161 -19.33 20.70 -8.40
C ILE G 161 -20.53 19.80 -8.06
N ALA G 162 -21.72 20.39 -7.94
CA ALA G 162 -22.92 19.59 -7.68
C ALA G 162 -23.14 18.58 -8.81
N LEU G 163 -23.17 19.08 -10.04
CA LEU G 163 -23.40 18.24 -11.22
C LEU G 163 -22.26 17.22 -11.42
N TYR G 164 -21.01 17.68 -11.27
CA TYR G 164 -19.85 16.78 -11.42
C TYR G 164 -19.82 15.67 -10.35
N THR G 165 -20.07 16.02 -9.10
CA THR G 165 -20.07 14.98 -8.04
C THR G 165 -21.22 14.00 -8.18
N ALA G 166 -22.35 14.46 -8.70
CA ALA G 166 -23.47 13.56 -8.99
C ALA G 166 -22.98 12.48 -9.97
N LEU G 167 -22.17 12.92 -10.96
CA LEU G 167 -21.64 12.00 -11.94
C LEU G 167 -20.55 11.07 -11.41
N VAL G 168 -19.72 11.57 -10.51
CA VAL G 168 -18.74 10.72 -9.82
C VAL G 168 -19.48 9.57 -9.12
N LEU G 169 -20.62 9.87 -8.51
CA LEU G 169 -21.38 8.86 -7.78
C LEU G 169 -22.15 7.92 -8.73
N ILE G 170 -22.92 8.49 -9.66
CA ILE G 170 -23.76 7.68 -10.56
C ILE G 170 -22.89 7.22 -11.72
N ASN G 171 -22.18 6.12 -11.50
CA ASN G 171 -21.18 5.64 -12.44
C ASN G 171 -21.59 4.21 -12.81
N ALA G 172 -22.07 4.03 -14.03
CA ALA G 172 -22.64 2.75 -14.49
C ALA G 172 -21.60 1.68 -14.75
N HIS G 173 -20.31 2.02 -14.64
CA HIS G 173 -19.20 1.07 -14.82
C HIS G 173 -18.75 0.38 -13.54
N ARG G 174 -19.42 0.65 -12.42
CA ARG G 174 -19.05 0.01 -11.16
C ARG G 174 -19.40 -1.47 -11.18
N PRO G 175 -18.42 -2.36 -10.89
CA PRO G 175 -18.66 -3.81 -10.67
C PRO G 175 -19.76 -4.11 -9.65
N GLY G 176 -20.60 -5.10 -9.95
CA GLY G 176 -21.60 -5.62 -9.00
C GLY G 176 -22.98 -5.00 -9.10
N LEU G 177 -23.19 -4.14 -10.09
CA LEU G 177 -24.52 -3.57 -10.32
C LEU G 177 -25.47 -4.63 -10.89
N GLN G 178 -26.73 -4.59 -10.47
CA GLN G 178 -27.78 -5.54 -10.94
C GLN G 178 -28.83 -4.92 -11.87
N GLU G 179 -28.86 -3.60 -11.97
CA GLU G 179 -29.77 -2.91 -12.86
C GLU G 179 -28.96 -1.91 -13.65
N LYS G 180 -27.96 -2.45 -14.37
CA LYS G 180 -26.98 -1.59 -15.05
C LYS G 180 -27.64 -0.69 -16.06
N ARG G 181 -28.67 -1.18 -16.76
CA ARG G 181 -29.37 -0.36 -17.77
C ARG G 181 -30.02 0.84 -17.06
N LYS G 182 -30.57 0.57 -15.88
CA LYS G 182 -31.19 1.63 -15.08
C LYS G 182 -30.13 2.66 -14.69
N VAL G 183 -28.96 2.18 -14.28
CA VAL G 183 -27.89 3.11 -13.84
C VAL G 183 -27.31 3.85 -15.06
N GLU G 184 -27.16 3.16 -16.18
CA GLU G 184 -26.77 3.81 -17.45
C GLU G 184 -27.67 4.98 -17.81
N GLN G 185 -28.97 4.81 -17.68
CA GLN G 185 -29.92 5.87 -18.03
C GLN G 185 -29.82 7.07 -17.07
N LEU G 186 -29.67 6.76 -15.78
CA LEU G 186 -29.47 7.82 -14.80
C LEU G 186 -28.19 8.63 -15.14
N GLN G 187 -27.10 7.92 -15.39
CA GLN G 187 -25.84 8.56 -15.75
C GLN G 187 -26.03 9.41 -16.99
N TYR G 188 -26.68 8.86 -18.01
CA TYR G 188 -26.84 9.63 -19.24
C TYR G 188 -27.62 10.92 -19.02
N ASN G 189 -28.72 10.84 -18.28
CA ASN G 189 -29.49 12.04 -17.99
C ASN G 189 -28.67 13.06 -17.18
N LEU G 190 -27.86 12.57 -16.26
CA LEU G 190 -26.96 13.43 -15.50
C LEU G 190 -25.88 14.06 -16.41
N GLU G 191 -25.41 13.33 -17.42
CA GLU G 191 -24.47 13.88 -18.44
C GLU G 191 -25.13 14.99 -19.23
N LEU G 192 -26.37 14.72 -19.63
CA LEU G 192 -27.17 15.75 -20.31
C LEU G 192 -27.30 17.05 -19.50
N ALA G 193 -27.63 16.90 -18.22
CA ALA G 193 -27.76 18.00 -17.28
C ALA G 193 -26.43 18.75 -17.17
N PHE G 194 -25.35 18.01 -16.92
CA PHE G 194 -23.99 18.59 -16.80
C PHE G 194 -23.64 19.35 -18.06
N HIS G 195 -23.84 18.72 -19.21
CA HIS G 195 -23.44 19.32 -20.48
C HIS G 195 -24.29 20.56 -20.83
N HIS G 196 -25.60 20.49 -20.54
CA HIS G 196 -26.52 21.60 -20.77
C HIS G 196 -26.01 22.79 -19.95
N HIS G 197 -25.77 22.54 -18.67
CA HIS G 197 -25.32 23.62 -17.79
C HIS G 197 -24.01 24.24 -18.25
N LEU G 198 -23.06 23.40 -18.61
CA LEU G 198 -21.76 23.89 -19.09
C LEU G 198 -21.90 24.66 -20.40
N CYS G 199 -22.72 24.17 -21.33
CA CYS G 199 -22.91 24.85 -22.63
C CYS G 199 -23.49 26.26 -22.42
N LYS G 200 -24.50 26.31 -21.56
CA LYS G 200 -25.23 27.48 -21.18
C LYS G 200 -24.47 28.51 -20.41
N THR G 201 -23.28 28.19 -19.95
CA THR G 201 -22.48 29.12 -19.23
C THR G 201 -21.14 29.24 -19.87
N HIS G 202 -20.92 28.57 -20.99
CA HIS G 202 -19.65 28.63 -21.73
C HIS G 202 -18.46 27.86 -21.17
N ARG G 203 -18.75 26.80 -20.43
CA ARG G 203 -17.71 26.06 -19.82
C ARG G 203 -17.53 24.66 -20.31
N GLN G 204 -17.80 24.39 -21.57
CA GLN G 204 -17.63 23.05 -22.09
C GLN G 204 -16.18 22.77 -22.23
N SER G 205 -15.42 23.82 -22.28
CA SER G 205 -13.95 23.63 -22.32
C SER G 205 -13.39 22.87 -21.11
N ILE G 206 -14.10 22.90 -19.97
CA ILE G 206 -13.59 22.23 -18.77
C ILE G 206 -13.62 20.71 -18.89
N LEU G 207 -14.46 20.17 -19.78
CA LEU G 207 -14.64 18.72 -19.90
C LEU G 207 -13.32 17.97 -20.12
N ALA G 208 -12.51 18.55 -21.03
CA ALA G 208 -11.20 17.97 -21.37
C ALA G 208 -10.22 18.05 -20.20
N LYS G 209 -10.59 18.80 -19.16
CA LYS G 209 -9.69 19.06 -18.04
C LYS G 209 -10.08 18.36 -16.76
N LEU G 210 -11.16 17.56 -16.82
CA LEU G 210 -11.61 16.81 -15.65
C LEU G 210 -10.57 15.72 -15.37
N PRO G 211 -10.48 15.28 -14.11
CA PRO G 211 -9.58 14.22 -13.67
C PRO G 211 -9.63 13.03 -14.66
N PRO G 212 -8.46 12.51 -15.02
CA PRO G 212 -8.49 11.29 -15.84
C PRO G 212 -9.23 10.19 -15.11
N LYS G 213 -9.79 9.28 -15.83
CA LYS G 213 -10.35 8.12 -15.20
C LYS G 213 -9.27 7.20 -14.73
N GLY G 214 -9.48 6.59 -13.55
CA GLY G 214 -8.45 5.94 -12.82
C GLY G 214 -8.01 6.81 -11.66
N LYS G 215 -8.14 8.12 -11.81
CA LYS G 215 -7.52 9.05 -10.84
C LYS G 215 -8.20 8.95 -9.49
N LEU G 216 -9.49 9.22 -9.39
CA LEU G 216 -10.24 9.02 -8.14
C LEU G 216 -10.07 7.57 -7.59
N ARG G 217 -10.19 6.59 -8.47
CA ARG G 217 -9.96 5.20 -8.09
C ARG G 217 -8.59 4.96 -7.42
N SER G 218 -7.52 5.43 -8.05
CA SER G 218 -6.17 5.33 -7.49
C SER G 218 -6.03 6.00 -6.10
N LEU G 219 -6.61 7.18 -5.94
CA LEU G 219 -6.56 7.83 -4.61
C LEU G 219 -7.24 6.95 -3.54
N CYS G 220 -8.39 6.38 -3.86
CA CYS G 220 -9.10 5.51 -2.92
C CYS G 220 -8.31 4.23 -2.68
N SER G 221 -7.68 3.71 -3.73
CA SER G 221 -6.86 2.50 -3.61
C SER G 221 -5.67 2.80 -2.71
N GLN G 222 -5.04 3.94 -2.90
CA GLN G 222 -3.92 4.31 -2.05
C GLN G 222 -4.34 4.43 -0.57
N HIS G 223 -5.50 5.05 -0.32
CA HIS G 223 -6.07 5.16 1.04
C HIS G 223 -6.16 3.77 1.68
N VAL G 224 -6.81 2.85 0.98
CA VAL G 224 -6.88 1.46 1.45
C VAL G 224 -5.49 0.82 1.74
N GLU G 225 -4.52 1.02 0.87
CA GLU G 225 -3.13 0.49 1.07
C GLU G 225 -2.44 1.09 2.29
N ARG G 226 -2.54 2.42 2.47
CA ARG G 226 -1.95 3.05 3.64
C ARG G 226 -2.68 2.58 4.95
N LEU G 227 -3.98 2.34 4.86
CA LEU G 227 -4.71 1.86 6.03
C LEU G 227 -4.25 0.47 6.40
N GLN G 228 -4.06 -0.39 5.41
CA GLN G 228 -3.49 -1.73 5.63
C GLN G 228 -2.13 -1.63 6.32
N ILE G 229 -1.28 -0.68 5.96
CA ILE G 229 0.02 -0.50 6.61
C ILE G 229 -0.20 -0.11 8.09
N PHE G 230 -1.08 0.86 8.29
CA PHE G 230 -1.39 1.32 9.64
C PHE G 230 -1.95 0.16 10.49
N GLN G 231 -2.88 -0.59 9.93
CA GLN G 231 -3.56 -1.68 10.63
C GLN G 231 -2.56 -2.77 11.01
N HIS G 232 -1.58 -3.05 10.19
CA HIS G 232 -0.46 -3.92 10.58
C HIS G 232 0.43 -3.33 11.69
N LEU G 233 0.57 -2.02 11.74
CA LEU G 233 1.27 -1.39 12.88
C LEU G 233 0.45 -1.37 14.19
N HIS G 234 -0.84 -1.15 14.06
CA HIS G 234 -1.79 -0.90 15.17
C HIS G 234 -3.14 -1.65 14.99
N PRO G 235 -3.13 -2.98 14.99
CA PRO G 235 -4.32 -3.76 14.60
C PRO G 235 -5.57 -3.56 15.45
N ILE G 236 -5.35 -3.53 16.73
CA ILE G 236 -6.56 -3.44 17.63
C ILE G 236 -7.19 -2.03 17.50
N VAL G 237 -6.41 -0.96 17.28
CA VAL G 237 -6.91 0.39 17.29
C VAL G 237 -8.10 0.64 16.35
N VAL G 238 -8.09 0.15 15.13
CA VAL G 238 -9.24 0.41 14.28
C VAL G 238 -10.52 -0.29 14.69
N GLN G 239 -10.42 -1.46 15.28
CA GLN G 239 -11.60 -2.20 15.67
C GLN G 239 -12.26 -1.70 16.89
N ALA G 240 -11.46 -1.10 17.74
CA ALA G 240 -11.95 -0.58 18.96
C ALA G 240 -12.18 0.86 18.93
N ALA G 241 -11.45 1.62 18.15
CA ALA G 241 -11.60 3.07 18.31
C ALA G 241 -12.15 3.81 17.10
N PHE G 242 -11.93 3.29 15.90
CA PHE G 242 -12.39 3.96 14.65
C PHE G 242 -13.93 3.83 14.50
N PRO G 243 -14.52 4.74 13.73
CA PRO G 243 -15.94 4.65 13.40
C PRO G 243 -16.19 3.39 12.61
N PRO G 244 -17.23 2.61 13.02
CA PRO G 244 -17.56 1.35 12.36
C PRO G 244 -17.76 1.46 10.87
N LEU G 245 -18.43 2.53 10.41
CA LEU G 245 -18.58 2.75 8.97
C LEU G 245 -17.23 2.81 8.25
N TYR G 246 -16.28 3.54 8.83
CA TYR G 246 -14.94 3.67 8.24
C TYR G 246 -14.27 2.31 8.09
N LYS G 247 -14.29 1.51 9.16
CA LYS G 247 -13.79 0.13 9.13
C LYS G 247 -14.46 -0.67 8.00
N GLU G 248 -15.79 -0.59 7.92
CA GLU G 248 -16.54 -1.34 6.93
C GLU G 248 -16.19 -0.95 5.50
N LEU G 249 -16.04 0.35 5.27
CA LEU G 249 -15.71 0.82 3.91
C LEU G 249 -14.25 0.56 3.51
N PHE G 250 -13.33 0.57 4.45
CA PHE G 250 -11.91 0.65 4.07
C PHE G 250 -11.00 -0.41 4.63
N SER G 251 -11.54 -1.29 5.49
CA SER G 251 -10.70 -2.33 6.18
C SER G 251 -10.56 -3.51 5.21
N THR G 252 -9.34 -4.02 5.04
CA THR G 252 -9.08 -5.12 4.09
C THR G 252 -8.47 -6.31 4.83
N PHE H 2 -22.69 -5.02 3.61
CA PHE H 2 -22.29 -3.72 4.25
C PHE H 2 -23.41 -3.10 5.14
N PRO H 3 -23.63 -3.65 6.35
CA PRO H 3 -24.79 -3.30 7.17
C PRO H 3 -24.89 -1.83 7.66
N TYR H 4 -23.76 -1.18 7.90
CA TYR H 4 -23.81 0.18 8.44
C TYR H 4 -24.23 1.17 7.37
N LEU H 5 -23.52 1.10 6.25
CA LEU H 5 -23.90 1.86 5.07
C LEU H 5 -25.38 1.66 4.74
N LEU H 6 -25.88 0.43 4.84
CA LEU H 6 -27.29 0.12 4.54
C LEU H 6 -28.25 0.77 5.56
N SER H 7 -27.86 0.72 6.83
CA SER H 7 -28.61 1.42 7.87
C SER H 7 -28.70 2.94 7.64
N LEU H 8 -27.67 3.57 7.06
CA LEU H 8 -27.71 5.02 6.74
C LEU H 8 -28.57 5.34 5.52
N LEU H 9 -28.90 4.31 4.74
CA LEU H 9 -29.87 4.40 3.63
C LEU H 9 -31.29 4.05 4.04
N GLY H 10 -31.45 3.13 5.00
CA GLY H 10 -32.77 2.83 5.61
C GLY H 10 -32.75 2.88 7.14
C13 6F1 I . 9.42 -6.27 -3.61
C14 6F1 I . 8.09 -6.70 -3.61
O2 6F1 I . 12.32 -7.89 -6.58
C19 6F1 I . 9.99 -10.70 -3.10
C15 6F1 I . 7.15 -6.04 -2.80
C16 6F1 I . 7.70 -7.76 -4.43
C1 6F1 I . 7.97 -12.42 -0.99
C12 6F1 I . 10.37 -6.92 -4.40
C10 6F1 I . 13.85 -10.48 -4.59
O1 6F1 I . 8.41 -11.16 -1.39
N1 6F1 I . 11.53 -10.22 -4.78
C4 6F1 I . 5.63 -13.01 -3.90
C5 6F1 I . 5.07 -11.95 -4.78
C3 6F1 I . 7.99 -12.03 -3.55
C2 6F1 I . 8.80 -11.29 -2.68
C8 6F1 I . 10.40 -10.84 -4.41
C7 6F1 I . 9.61 -11.57 -5.29
C6 6F1 I . 8.42 -12.17 -4.87
O3 6F1 I . 10.49 -9.46 -7.42
C11 6F1 I . 9.98 -7.94 -5.24
C17 6F1 I . 6.41 -8.26 -4.52
C18 6F1 I . 8.65 -8.36 -5.22
C9 6F1 I . 12.56 -11.19 -4.85
N 6F1 I . 6.86 -12.60 -3.08
C 6F1 I . 6.87 -12.78 -1.75
O 6F1 I . 5.92 -13.34 -1.22
F1 6F1 I . 13.58 -9.33 -4.17
F 6F1 I . 14.35 -11.07 -3.69
F2 6F1 I . 14.64 -10.42 -5.64
S 6F1 I . 11.17 -8.82 -6.21
CL CL J . 22.58 -14.42 3.61
CL CL K . 26.85 -4.82 23.71
CL CL L . 17.80 1.45 0.32
CL CL M . 12.25 -6.85 4.76
CL CL N . 11.56 -16.91 -15.19
CL CL O . 18.75 -1.61 7.20
CL CL P . 15.87 -23.23 7.88
CL CL Q . 0.98 -4.01 -10.36
C13 6F1 R . 18.80 -6.89 -25.99
C14 6F1 R . 19.93 -7.73 -26.02
O2 6F1 R . 15.43 -7.82 -23.19
C19 6F1 R . 17.03 -11.01 -26.64
C15 6F1 R . 21.04 -7.34 -26.77
C16 6F1 R . 19.92 -8.92 -25.28
C1 6F1 R . 18.73 -13.21 -28.83
C12 6F1 R . 17.67 -7.23 -25.24
C10 6F1 R . 13.29 -9.87 -25.39
O1 6F1 R . 18.54 -11.88 -28.21
N1 6F1 R . 15.57 -10.14 -25.04
C4 6F1 R . 20.16 -14.67 -25.70
C5 6F1 R . 21.35 -13.79 -25.48
C3 6F1 R . 18.30 -13.06 -26.18
C2 6F1 R . 17.96 -11.97 -27.00
C8 6F1 R . 16.43 -11.10 -25.40
C7 6F1 R . 16.76 -12.15 -24.54
C6 6F1 R . 17.69 -13.11 -24.92
O3 6F1 R . 16.79 -9.79 -22.39
C11 6F1 R . 17.69 -8.41 -24.51
C17 6F1 R . 21.00 -9.84 -25.24
C18 6F1 R . 18.80 -9.24 -24.55
C9 6F1 R . 14.32 -10.76 -24.79
N 6F1 R . 19.25 -13.94 -26.63
C 6F1 R . 19.51 -13.94 -27.96
O 6F1 R . 20.42 -14.65 -28.39
F1 6F1 R . 13.85 -8.94 -26.05
F 6F1 R . 12.59 -10.59 -26.24
F2 6F1 R . 12.50 -9.37 -24.31
S 6F1 R . 16.33 -8.97 -23.62
CL CL S . 5.73 1.52 -54.23
CL CL T . 25.38 -25.61 -12.92
CL CL U . 4.62 -9.67 -34.51
CL CL V . 8.04 -20.08 -38.63
CL CL W . 19.10 5.87 -25.52
CL CL X . 14.02 3.10 -29.26
C13 6F1 Y . -15.74 20.28 26.67
C14 6F1 Y . -17.13 20.02 26.71
O2 6F1 Y . -13.11 17.86 23.80
C19 6F1 Y . -16.12 15.68 27.47
C15 6F1 Y . -17.99 20.83 27.44
C16 6F1 Y . -17.61 18.96 25.96
C1 6F1 Y . -18.32 14.23 29.68
C12 6F1 Y . -14.86 19.48 25.94
C10 6F1 Y . -12.13 15.32 25.81
O1 6F1 Y . -17.75 15.41 29.15
N1 6F1 Y . -14.46 15.98 25.88
C4 6F1 Y . -20.64 13.74 26.73
C5 6F1 Y . -20.97 14.88 25.80
C3 6F1 Y . -18.19 14.48 27.03
C2 6F1 Y . -17.34 15.19 27.87
C8 6F1 Y . -15.69 15.46 26.18
C7 6F1 Y . -16.49 14.74 25.29
C6 6F1 Y . -17.75 14.25 25.72
O3 6F1 Y . -15.30 16.79 23.11
C11 6F1 Y . -15.39 18.45 25.19
C17 6F1 Y . -18.96 18.57 25.84
C18 6F1 Y . -16.75 18.18 25.23
C9 6F1 Y . -13.49 14.93 26.23
N 6F1 Y . -19.37 14.04 27.56
C 6F1 Y . -19.43 13.95 28.91
O 6F1 Y . -20.48 13.60 29.46
F1 6F1 Y . -11.91 16.38 26.23
F 6F1 Y . -11.31 14.57 26.38
F2 6F1 Y . -12.12 15.28 24.49
S 6F1 Y . -14.46 17.30 24.28
CL CL Z . -29.56 18.29 30.29
CL CL AA . -3.61 10.79 34.38
CL CL BA . -5.91 -8.02 40.31
CL CL CA . 3.26 18.99 30.13
C13 6F1 DA . -7.39 17.36 4.44
C14 6F1 DA . -6.30 16.48 4.35
O2 6F1 DA . -10.73 16.67 7.11
C19 6F1 DA . -9.30 13.14 3.77
C15 6F1 DA . -5.20 16.84 3.57
C16 6F1 DA . -6.34 15.26 5.06
C1 6F1 DA . -7.88 10.59 1.73
C12 6F1 DA . -8.51 17.07 5.18
C10 6F1 DA . -12.89 14.93 5.10
O1 6F1 DA . -7.93 11.95 2.23
N1 6F1 DA . -10.67 14.28 5.31
C4 6F1 DA . -6.69 9.21 5.03
C5 6F1 DA . -5.65 10.16 5.57
C3 6F1 DA . -8.25 11.02 4.36
C2 6F1 DA . -8.50 12.06 3.45
C8 6F1 DA . -9.90 13.23 5.02
C7 6F1 DA . -9.67 12.22 5.93
C6 6F1 DA . -8.88 11.12 5.61
O3 6F1 DA . -9.56 14.57 8.01
C11 6F1 DA . -8.52 15.88 5.90
C17 6F1 DA . -5.32 14.29 5.09
C18 6F1 DA . -7.46 14.98 5.83
C9 6F1 DA . -12.00 13.81 5.50
N 6F1 DA . -7.44 9.99 3.99
C 6F1 DA . -7.19 9.81 2.66
O 6F1 DA . -6.45 8.91 2.26
F1 6F1 DA . -12.14 15.83 4.39
F 6F1 DA . -13.79 14.50 4.38
F2 6F1 DA . -13.40 15.45 6.18
S 6F1 DA . -9.91 15.41 6.78
CL CL EA . -21.97 16.10 -3.78
CL CL FA . -30.65 0.08 -9.66
CL CL GA . -19.55 26.14 -24.09
CL CL HA . -7.97 10.10 17.68
CL CL IA . -3.19 -1.16 18.16
#